data_4ITU
#
_entry.id   4ITU
#
_cell.length_a   116.048
_cell.length_b   128.394
_cell.length_c   58.394
_cell.angle_alpha   90.00
_cell.angle_beta   90.00
_cell.angle_gamma   90.00
#
_symmetry.space_group_name_H-M   'P 21 21 2'
#
loop_
_entity.id
_entity.type
_entity.pdbx_description
1 polymer 'Short-chain dehydrogenase/reductase SDR'
2 non-polymer '1,4-DIHYDRONICOTINAMIDE ADENINE DINUCLEOTIDE'
3 non-polymer '2-{[(2S)-2-hydroxypropyl]sulfanyl}ethanesulfonic acid'
4 water water
#
_entity_poly.entity_id   1
_entity_poly.type   'polypeptide(L)'
_entity_poly.pdbx_seq_one_letter_code
;MGSSHHHHHHSQDPMSNRLKNEVIAITGGGAGIGLAIASAALREGAKVALIDLDQGLAERSAAMLSTGGAVAKGFGADVT
KAADITAAITSAEQTIGSLTGLVNNAGIAGFGSVHDADAAAWDRIMAVNVTGTFLASKAALAGMLERHKGTIVNFGSVAG
LVGIPTMAAYCAAKGAIVNLTRQMAADYSGRGVRVNAVCPGTVTSTGMGQQLLGSDTSPEVQARRLAKYPIGRFGTPEDI
AEAVIFLLSDQAAFVTGAAFAVDGGMTAI
;
_entity_poly.pdbx_strand_id   A,B,C,D
#
loop_
_chem_comp.id
_chem_comp.type
_chem_comp.name
_chem_comp.formula
1HS non-polymer '2-{[(2S)-2-hydroxypropyl]sulfanyl}ethanesulfonic acid' 'C5 H12 O4 S2'
NAI non-polymer '1,4-DIHYDRONICOTINAMIDE ADENINE DINUCLEOTIDE' 'C21 H29 N7 O14 P2'
#
# COMPACT_ATOMS: atom_id res chain seq x y z
N ASN A 17 -20.09 18.59 20.63
CA ASN A 17 -19.32 19.79 20.31
C ASN A 17 -17.87 19.52 19.88
N ARG A 18 -17.69 18.50 19.05
CA ARG A 18 -16.34 18.11 18.66
C ARG A 18 -15.66 19.12 17.73
N LEU A 19 -16.46 20.00 17.12
CA LEU A 19 -15.91 21.07 16.25
C LEU A 19 -16.30 22.48 16.72
N LYS A 20 -16.57 22.63 18.01
CA LYS A 20 -16.88 23.94 18.57
C LYS A 20 -15.72 24.88 18.26
N ASN A 21 -16.02 26.10 17.85
CA ASN A 21 -15.00 27.10 17.46
C ASN A 21 -14.19 26.75 16.21
N GLU A 22 -14.65 25.78 15.42
CA GLU A 22 -13.99 25.52 14.14
C GLU A 22 -14.77 26.25 13.08
N VAL A 23 -14.06 26.67 12.04
CA VAL A 23 -14.65 27.30 10.88
C VAL A 23 -14.19 26.49 9.67
N ILE A 24 -15.12 25.80 9.01
CA ILE A 24 -14.77 24.84 7.95
C ILE A 24 -15.30 25.29 6.60
N ALA A 25 -14.45 25.33 5.58
CA ALA A 25 -14.89 25.55 4.21
C ALA A 25 -14.92 24.21 3.48
N ILE A 26 -16.01 23.97 2.72
CA ILE A 26 -16.23 22.70 2.05
C ILE A 26 -16.47 22.97 0.58
N THR A 27 -15.54 22.56 -0.28
CA THR A 27 -15.76 22.75 -1.71
C THR A 27 -16.72 21.66 -2.23
N GLY A 28 -17.50 21.98 -3.24
CA GLY A 28 -18.57 21.10 -3.67
C GLY A 28 -19.58 20.87 -2.55
N GLY A 29 -19.71 21.85 -1.66
CA GLY A 29 -20.55 21.70 -0.48
C GLY A 29 -22.05 21.82 -0.69
N GLY A 30 -22.48 22.15 -1.90
CA GLY A 30 -23.89 22.33 -2.18
C GLY A 30 -24.77 21.08 -2.18
N ALA A 31 -24.17 19.92 -2.44
CA ALA A 31 -24.92 18.67 -2.57
C ALA A 31 -24.08 17.48 -2.20
N GLY A 32 -24.70 16.30 -2.15
CA GLY A 32 -23.98 15.05 -2.03
C GLY A 32 -23.17 14.92 -0.74
N ILE A 33 -21.99 14.31 -0.85
CA ILE A 33 -21.15 14.08 0.31
C ILE A 33 -20.77 15.39 1.00
N GLY A 34 -20.43 16.41 0.22
CA GLY A 34 -20.07 17.71 0.76
C GLY A 34 -21.16 18.29 1.65
N LEU A 35 -22.41 18.18 1.22
CA LEU A 35 -23.54 18.67 1.98
C LEU A 35 -23.70 17.86 3.27
N ALA A 36 -23.49 16.55 3.20
CA ALA A 36 -23.54 15.71 4.40
C ALA A 36 -22.43 16.07 5.40
N ILE A 37 -21.25 16.41 4.89
CA ILE A 37 -20.16 16.90 5.75
C ILE A 37 -20.56 18.19 6.46
N ALA A 38 -21.13 19.13 5.71
CA ALA A 38 -21.64 20.37 6.31
C ALA A 38 -22.61 20.11 7.45
N SER A 39 -23.57 19.22 7.20
CA SER A 39 -24.62 18.94 8.18
C SER A 39 -24.01 18.38 9.46
N ALA A 40 -23.10 17.44 9.31
CA ALA A 40 -22.45 16.83 10.47
C ALA A 40 -21.54 17.83 11.20
N ALA A 41 -20.85 18.67 10.45
CA ALA A 41 -19.97 19.68 11.04
C ALA A 41 -20.77 20.67 11.88
N LEU A 42 -21.93 21.06 11.37
CA LEU A 42 -22.83 21.94 12.12
C LEU A 42 -23.33 21.26 13.39
N ARG A 43 -23.63 19.98 13.30
CA ARG A 43 -24.07 19.20 14.45
C ARG A 43 -23.04 19.31 15.57
N GLU A 44 -21.76 19.30 15.18
CA GLU A 44 -20.64 19.31 16.11
C GLU A 44 -20.19 20.71 16.49
N GLY A 45 -20.93 21.72 16.06
CA GLY A 45 -20.71 23.08 16.52
C GLY A 45 -19.86 24.00 15.66
N ALA A 46 -19.43 23.51 14.50
CA ALA A 46 -18.64 24.35 13.60
C ALA A 46 -19.51 25.41 12.92
N LYS A 47 -18.87 26.44 12.38
CA LYS A 47 -19.49 27.27 11.37
C LYS A 47 -18.95 26.82 10.02
N VAL A 48 -19.80 26.79 9.00
CA VAL A 48 -19.39 26.24 7.71
C VAL A 48 -19.65 27.18 6.53
N ALA A 49 -18.74 27.13 5.57
CA ALA A 49 -18.93 27.83 4.31
C ALA A 49 -19.04 26.77 3.23
N LEU A 50 -20.16 26.79 2.51
CA LEU A 50 -20.33 25.92 1.36
C LEU A 50 -19.84 26.65 0.11
N ILE A 51 -18.89 26.05 -0.59
CA ILE A 51 -18.37 26.66 -1.80
C ILE A 51 -18.62 25.71 -2.95
N ASP A 52 -19.41 26.15 -3.94
CA ASP A 52 -19.81 25.23 -5.00
C ASP A 52 -19.78 25.94 -6.35
N LEU A 53 -19.57 25.17 -7.42
CA LEU A 53 -19.60 25.70 -8.78
C LEU A 53 -20.96 26.37 -9.03
N ASP A 54 -21.99 25.74 -8.50
CA ASP A 54 -23.36 26.24 -8.55
C ASP A 54 -23.62 27.16 -7.35
N GLN A 55 -23.56 28.47 -7.57
CA GLN A 55 -23.71 29.43 -6.49
C GLN A 55 -25.09 29.36 -5.84
N GLY A 56 -26.14 29.24 -6.65
CA GLY A 56 -27.49 29.18 -6.13
C GLY A 56 -27.68 27.97 -5.22
N LEU A 57 -27.10 26.85 -5.61
CA LEU A 57 -27.20 25.63 -4.83
C LEU A 57 -26.50 25.82 -3.48
N ALA A 58 -25.30 26.40 -3.51
CA ALA A 58 -24.56 26.69 -2.29
C ALA A 58 -25.38 27.56 -1.36
N GLU A 59 -26.00 28.60 -1.92
CA GLU A 59 -26.82 29.50 -1.11
C GLU A 59 -28.10 28.84 -0.60
N ARG A 60 -28.77 28.07 -1.44
CA ARG A 60 -29.99 27.39 -1.00
C ARG A 60 -29.70 26.35 0.07
N SER A 61 -28.65 25.55 -0.15
CA SER A 61 -28.26 24.56 0.85
C SER A 61 -27.84 25.21 2.17
N ALA A 62 -27.06 26.30 2.11
CA ALA A 62 -26.66 27.01 3.32
C ALA A 62 -27.88 27.51 4.11
N ALA A 63 -28.88 28.01 3.38
CA ALA A 63 -30.13 28.48 4.01
C ALA A 63 -30.84 27.31 4.70
N MET A 64 -30.89 26.17 4.02
CA MET A 64 -31.54 24.99 4.55
C MET A 64 -30.85 24.55 5.84
N LEU A 65 -29.54 24.71 5.91
CA LEU A 65 -28.76 24.20 7.04
C LEU A 65 -28.77 25.11 8.25
N SER A 66 -29.11 26.38 8.04
CA SER A 66 -28.98 27.38 9.08
C SER A 66 -30.18 27.44 10.01
N THR A 67 -30.45 26.34 10.69
CA THR A 67 -31.53 26.28 11.68
C THR A 67 -30.98 26.07 13.08
N GLY A 68 -31.76 26.44 14.09
CA GLY A 68 -31.38 26.19 15.47
C GLY A 68 -30.08 26.85 15.87
N GLY A 69 -29.75 27.96 15.23
CA GLY A 69 -28.56 28.72 15.58
C GLY A 69 -27.34 28.33 14.77
N ALA A 70 -27.47 27.27 13.98
CA ALA A 70 -26.36 26.80 13.14
C ALA A 70 -26.05 27.87 12.11
N VAL A 71 -24.76 28.07 11.85
CA VAL A 71 -24.31 29.09 10.91
C VAL A 71 -23.67 28.48 9.68
N ALA A 72 -24.38 28.56 8.55
CA ALA A 72 -23.86 28.08 7.27
C ALA A 72 -24.08 29.20 6.26
N LYS A 73 -23.06 29.45 5.43
CA LYS A 73 -23.13 30.47 4.39
C LYS A 73 -22.64 29.88 3.08
N GLY A 74 -23.22 30.33 1.96
CA GLY A 74 -22.86 29.78 0.68
C GLY A 74 -22.13 30.77 -0.23
N PHE A 75 -21.27 30.22 -1.08
CA PHE A 75 -20.43 31.01 -1.97
C PHE A 75 -20.22 30.27 -3.27
N GLY A 76 -20.16 31.00 -4.38
CA GLY A 76 -19.96 30.36 -5.66
C GLY A 76 -18.51 30.49 -6.07
N ALA A 77 -17.93 29.37 -6.52
CA ALA A 77 -16.59 29.38 -7.07
C ALA A 77 -16.32 28.08 -7.80
N ASP A 78 -15.65 28.19 -8.94
CA ASP A 78 -15.07 27.06 -9.66
C ASP A 78 -13.68 26.84 -9.07
N VAL A 79 -13.47 25.68 -8.43
CA VAL A 79 -12.19 25.38 -7.80
C VAL A 79 -11.02 25.37 -8.79
N THR A 80 -11.29 25.28 -10.09
CA THR A 80 -10.21 25.26 -11.07
C THR A 80 -9.74 26.68 -11.44
N LYS A 81 -10.45 27.69 -10.94
CA LYS A 81 -10.14 29.09 -11.25
C LYS A 81 -9.57 29.77 -10.03
N ALA A 82 -8.25 29.93 -10.01
CA ALA A 82 -7.52 30.41 -8.85
C ALA A 82 -8.13 31.67 -8.22
N ALA A 83 -8.41 32.67 -9.04
CA ALA A 83 -8.96 33.91 -8.51
C ALA A 83 -10.33 33.71 -7.89
N ASP A 84 -11.14 32.83 -8.50
CA ASP A 84 -12.50 32.61 -8.02
C ASP A 84 -12.53 31.90 -6.68
N ILE A 85 -11.77 30.82 -6.57
CA ILE A 85 -11.73 30.09 -5.30
C ILE A 85 -11.07 30.91 -4.19
N THR A 86 -10.03 31.67 -4.52
CA THR A 86 -9.40 32.57 -3.56
C THR A 86 -10.40 33.60 -3.05
N ALA A 87 -11.17 34.18 -3.96
CA ALA A 87 -12.17 35.19 -3.57
C ALA A 87 -13.24 34.62 -2.66
N ALA A 88 -13.66 33.38 -2.94
CA ALA A 88 -14.68 32.72 -2.14
C ALA A 88 -14.21 32.45 -0.71
N ILE A 89 -12.99 31.94 -0.58
CA ILE A 89 -12.43 31.71 0.75
C ILE A 89 -12.27 33.03 1.52
N THR A 90 -11.81 34.07 0.83
CA THR A 90 -11.72 35.40 1.44
C THR A 90 -13.07 35.90 1.94
N SER A 91 -14.11 35.80 1.11
CA SER A 91 -15.46 36.23 1.52
C SER A 91 -15.99 35.39 2.67
N ALA A 92 -15.72 34.09 2.61
CA ALA A 92 -16.13 33.17 3.68
C ALA A 92 -15.52 33.60 5.01
N GLU A 93 -14.21 33.87 5.00
CA GLU A 93 -13.53 34.29 6.22
C GLU A 93 -14.04 35.63 6.75
N GLN A 94 -14.34 36.56 5.84
CA GLN A 94 -14.93 37.84 6.22
C GLN A 94 -16.30 37.65 6.86
N THR A 95 -16.97 36.56 6.48
CA THR A 95 -18.34 36.29 6.89
C THR A 95 -18.44 35.46 8.17
N ILE A 96 -17.61 34.43 8.30
CA ILE A 96 -17.75 33.49 9.42
C ILE A 96 -16.46 33.31 10.25
N GLY A 97 -15.38 33.97 9.84
CA GLY A 97 -14.15 33.93 10.61
C GLY A 97 -13.03 33.18 9.91
N SER A 98 -11.81 33.31 10.43
CA SER A 98 -10.64 32.66 9.83
C SER A 98 -10.82 31.14 9.81
N LEU A 99 -10.43 30.52 8.70
CA LEU A 99 -10.57 29.07 8.53
C LEU A 99 -9.70 28.29 9.48
N THR A 100 -10.28 27.23 10.05
CA THR A 100 -9.49 26.23 10.75
C THR A 100 -9.47 24.90 9.97
N GLY A 101 -10.43 24.73 9.07
CA GLY A 101 -10.50 23.52 8.26
C GLY A 101 -10.93 23.75 6.82
N LEU A 102 -10.41 22.91 5.92
CA LEU A 102 -10.80 22.93 4.51
C LEU A 102 -11.05 21.48 4.07
N VAL A 103 -12.19 21.25 3.45
CA VAL A 103 -12.49 19.96 2.87
C VAL A 103 -12.54 20.12 1.37
N ASN A 104 -11.59 19.51 0.68
CA ASN A 104 -11.53 19.55 -0.77
C ASN A 104 -12.41 18.44 -1.34
N ASN A 105 -13.72 18.63 -1.25
CA ASN A 105 -14.67 17.60 -1.65
C ASN A 105 -15.06 17.69 -3.12
N ALA A 106 -14.94 18.87 -3.72
CA ALA A 106 -15.29 19.01 -5.13
C ALA A 106 -14.51 18.02 -6.01
N GLY A 107 -15.24 17.39 -6.92
CA GLY A 107 -14.65 16.46 -7.85
C GLY A 107 -15.70 16.09 -8.87
N ILE A 108 -15.25 15.66 -10.03
CA ILE A 108 -16.18 15.10 -11.01
C ILE A 108 -15.62 13.78 -11.49
N ALA A 109 -16.49 12.96 -12.06
CA ALA A 109 -16.09 11.67 -12.59
C ALA A 109 -16.52 11.60 -14.06
N GLY A 110 -16.02 10.60 -14.77
CA GLY A 110 -16.39 10.38 -16.15
C GLY A 110 -15.80 9.06 -16.57
N PHE A 111 -16.17 8.61 -17.77
CA PHE A 111 -15.73 7.32 -18.25
C PHE A 111 -14.85 7.45 -19.46
N GLY A 112 -14.01 6.46 -19.66
CA GLY A 112 -13.11 6.41 -20.79
C GLY A 112 -11.83 5.69 -20.42
N SER A 113 -11.44 4.75 -21.27
CA SER A 113 -10.17 4.05 -21.08
C SER A 113 -9.09 4.82 -21.80
N VAL A 114 -7.83 4.51 -21.52
CA VAL A 114 -6.72 5.22 -22.17
C VAL A 114 -6.83 5.19 -23.69
N HIS A 115 -7.32 4.10 -24.27
CA HIS A 115 -7.29 3.97 -25.72
C HIS A 115 -8.35 4.78 -26.44
N ASP A 116 -9.40 5.18 -25.72
CA ASP A 116 -10.50 5.91 -26.36
C ASP A 116 -10.97 7.16 -25.61
N ALA A 117 -10.34 7.48 -24.48
CA ALA A 117 -10.81 8.61 -23.68
C ALA A 117 -10.62 9.92 -24.43
N ASP A 118 -11.59 10.82 -24.33
CA ASP A 118 -11.45 12.14 -24.94
C ASP A 118 -10.48 12.99 -24.12
N ALA A 119 -9.49 13.57 -24.79
CA ALA A 119 -8.47 14.34 -24.10
C ALA A 119 -9.02 15.56 -23.35
N ALA A 120 -10.04 16.21 -23.89
CA ALA A 120 -10.61 17.38 -23.20
C ALA A 120 -11.32 16.96 -21.92
N ALA A 121 -12.05 15.86 -21.96
CA ALA A 121 -12.72 15.31 -20.78
C ALA A 121 -11.69 14.91 -19.73
N TRP A 122 -10.61 14.28 -20.19
CA TRP A 122 -9.50 13.89 -19.33
C TRP A 122 -9.00 15.11 -18.57
N ASP A 123 -8.73 16.19 -19.29
CA ASP A 123 -8.21 17.41 -18.67
C ASP A 123 -9.17 18.00 -17.63
N ARG A 124 -10.47 17.98 -17.91
CA ARG A 124 -11.41 18.60 -16.99
C ARG A 124 -11.52 17.79 -15.69
N ILE A 125 -11.50 16.47 -15.80
CA ILE A 125 -11.50 15.59 -14.63
C ILE A 125 -10.25 15.82 -13.80
N MET A 126 -9.08 15.87 -14.45
CA MET A 126 -7.84 16.16 -13.73
C MET A 126 -7.89 17.56 -13.11
N ALA A 127 -8.50 18.51 -13.80
CA ALA A 127 -8.53 19.89 -13.31
C ALA A 127 -9.38 20.02 -12.04
N VAL A 128 -10.62 19.53 -12.07
CA VAL A 128 -11.50 19.73 -10.93
C VAL A 128 -10.95 19.01 -9.71
N ASN A 129 -10.55 17.77 -9.90
CA ASN A 129 -10.01 16.97 -8.81
C ASN A 129 -8.63 17.46 -8.33
N VAL A 130 -7.64 17.39 -9.20
CA VAL A 130 -6.27 17.64 -8.77
C VAL A 130 -5.98 19.13 -8.67
N THR A 131 -6.20 19.87 -9.76
CA THR A 131 -5.94 21.31 -9.74
C THR A 131 -6.80 22.02 -8.69
N GLY A 132 -8.04 21.58 -8.53
CA GLY A 132 -8.95 22.16 -7.54
C GLY A 132 -8.44 22.00 -6.11
N THR A 133 -7.96 20.79 -5.81
CA THR A 133 -7.36 20.52 -4.52
C THR A 133 -6.14 21.41 -4.29
N PHE A 134 -5.31 21.55 -5.32
CA PHE A 134 -4.14 22.43 -5.28
C PHE A 134 -4.56 23.87 -5.04
N LEU A 135 -5.43 24.40 -5.89
CA LEU A 135 -5.79 25.82 -5.82
C LEU A 135 -6.56 26.20 -4.54
N ALA A 136 -7.48 25.35 -4.12
CA ALA A 136 -8.22 25.64 -2.89
C ALA A 136 -7.29 25.58 -1.68
N SER A 137 -6.41 24.59 -1.65
CA SER A 137 -5.46 24.45 -0.56
C SER A 137 -4.52 25.65 -0.52
N LYS A 138 -4.08 26.08 -1.69
CA LYS A 138 -3.18 27.22 -1.79
C LYS A 138 -3.82 28.44 -1.15
N ALA A 139 -5.09 28.68 -1.48
CA ALA A 139 -5.82 29.81 -0.92
C ALA A 139 -5.93 29.72 0.61
N ALA A 140 -6.29 28.55 1.11
CA ALA A 140 -6.49 28.34 2.55
C ALA A 140 -5.19 28.33 3.34
N LEU A 141 -4.12 27.86 2.72
CA LEU A 141 -2.84 27.71 3.41
C LEU A 141 -2.19 29.02 3.86
N ALA A 142 -2.40 30.09 3.11
CA ALA A 142 -1.83 31.38 3.49
C ALA A 142 -2.19 31.73 4.93
N GLY A 143 -3.49 31.69 5.22
CA GLY A 143 -3.99 31.94 6.56
C GLY A 143 -3.68 30.85 7.57
N MET A 144 -3.83 29.59 7.18
CA MET A 144 -3.55 28.50 8.11
C MET A 144 -2.10 28.47 8.56
N LEU A 145 -1.17 28.70 7.63
CA LEU A 145 0.25 28.70 7.98
C LEU A 145 0.60 29.91 8.85
N GLU A 146 0.02 31.06 8.52
CA GLU A 146 0.22 32.28 9.31
C GLU A 146 -0.20 32.03 10.75
N ARG A 147 -1.28 31.26 10.92
CA ARG A 147 -1.81 30.99 12.26
C ARG A 147 -1.26 29.72 12.89
N HIS A 148 -0.42 28.99 12.14
CA HIS A 148 0.10 27.68 12.58
C HIS A 148 -1.02 26.75 13.04
N LYS A 149 -2.10 26.70 12.28
CA LYS A 149 -3.29 25.97 12.69
C LYS A 149 -4.20 25.70 11.51
N GLY A 150 -4.40 24.43 11.20
CA GLY A 150 -5.37 24.06 10.18
C GLY A 150 -5.49 22.57 10.02
N THR A 151 -6.55 22.15 9.36
CA THR A 151 -6.69 20.75 8.98
C THR A 151 -7.32 20.72 7.59
N ILE A 152 -6.71 19.97 6.68
CA ILE A 152 -7.20 19.87 5.32
C ILE A 152 -7.57 18.41 5.04
N VAL A 153 -8.79 18.17 4.57
CA VAL A 153 -9.22 16.83 4.20
C VAL A 153 -9.45 16.77 2.69
N ASN A 154 -8.64 15.95 2.01
CA ASN A 154 -8.76 15.76 0.59
C ASN A 154 -9.60 14.54 0.27
N PHE A 155 -10.14 14.50 -0.95
CA PHE A 155 -11.00 13.40 -1.34
C PHE A 155 -10.36 12.48 -2.36
N GLY A 156 -9.86 11.35 -1.85
CA GLY A 156 -9.47 10.26 -2.71
C GLY A 156 -10.71 9.44 -3.02
N SER A 157 -10.51 8.15 -3.19
CA SER A 157 -11.59 7.23 -3.49
C SER A 157 -10.96 5.86 -3.48
N VAL A 158 -11.77 4.80 -3.43
CA VAL A 158 -11.23 3.50 -3.73
C VAL A 158 -10.57 3.55 -5.12
N ALA A 159 -11.10 4.42 -5.99
CA ALA A 159 -10.55 4.62 -7.33
C ALA A 159 -9.17 5.28 -7.35
N GLY A 160 -8.72 5.81 -6.21
CA GLY A 160 -7.38 6.37 -6.10
C GLY A 160 -6.38 5.36 -5.58
N LEU A 161 -6.87 4.19 -5.18
CA LEU A 161 -6.04 3.16 -4.52
C LEU A 161 -5.90 1.92 -5.39
N VAL A 162 -6.95 1.63 -6.16
CA VAL A 162 -6.98 0.49 -7.08
C VAL A 162 -7.50 0.95 -8.44
N GLY A 163 -7.31 0.11 -9.45
CA GLY A 163 -7.77 0.44 -10.78
C GLY A 163 -9.24 0.06 -10.98
N ILE A 164 -9.99 0.95 -11.61
CA ILE A 164 -11.39 0.72 -11.90
C ILE A 164 -11.57 0.67 -13.40
N PRO A 165 -12.15 -0.43 -13.93
CA PRO A 165 -12.33 -0.53 -15.38
C PRO A 165 -13.02 0.69 -15.97
N THR A 166 -12.51 1.16 -17.11
CA THR A 166 -13.08 2.26 -17.88
C THR A 166 -13.14 3.61 -17.19
N MET A 167 -12.31 3.84 -16.17
CA MET A 167 -12.25 5.16 -15.56
C MET A 167 -10.82 5.66 -15.45
N ALA A 168 -10.15 5.80 -16.59
CA ALA A 168 -8.73 6.13 -16.59
C ALA A 168 -8.41 7.50 -15.98
N ALA A 169 -9.06 8.57 -16.49
CA ALA A 169 -8.79 9.91 -15.98
C ALA A 169 -9.11 10.02 -14.49
N TYR A 170 -10.25 9.45 -14.08
CA TYR A 170 -10.68 9.51 -12.69
C TYR A 170 -9.72 8.75 -11.77
N CYS A 171 -9.25 7.57 -12.18
CA CYS A 171 -8.27 6.82 -11.38
C CYS A 171 -6.94 7.57 -11.29
N ALA A 172 -6.53 8.22 -12.38
CA ALA A 172 -5.35 9.06 -12.36
C ALA A 172 -5.52 10.23 -11.38
N ALA A 173 -6.66 10.91 -11.46
CA ALA A 173 -6.90 12.09 -10.63
C ALA A 173 -6.92 11.71 -9.15
N LYS A 174 -7.63 10.65 -8.81
CA LYS A 174 -7.74 10.26 -7.42
C LYS A 174 -6.40 9.72 -6.90
N GLY A 175 -5.64 9.06 -7.77
CA GLY A 175 -4.29 8.60 -7.43
C GLY A 175 -3.38 9.78 -7.11
N ALA A 176 -3.53 10.85 -7.89
CA ALA A 176 -2.78 12.07 -7.64
C ALA A 176 -3.13 12.65 -6.28
N ILE A 177 -4.42 12.68 -5.96
CA ILE A 177 -4.86 13.24 -4.70
C ILE A 177 -4.33 12.44 -3.50
N VAL A 178 -4.36 11.11 -3.59
CA VAL A 178 -3.85 10.30 -2.50
C VAL A 178 -2.38 10.64 -2.20
N ASN A 179 -1.54 10.68 -3.24
CA ASN A 179 -0.14 10.97 -2.96
C ASN A 179 0.15 12.45 -2.71
N LEU A 180 -0.64 13.36 -3.31
CA LEU A 180 -0.51 14.78 -3.00
C LEU A 180 -0.76 15.03 -1.52
N THR A 181 -1.71 14.29 -0.97
CA THR A 181 -2.01 14.36 0.46
C THR A 181 -0.78 14.01 1.30
N ARG A 182 -0.08 12.93 0.94
CA ARG A 182 1.17 12.57 1.60
C ARG A 182 2.19 13.69 1.50
N GLN A 183 2.29 14.27 0.31
CA GLN A 183 3.27 15.33 0.08
C GLN A 183 2.97 16.57 0.91
N MET A 184 1.70 16.97 0.95
CA MET A 184 1.28 18.14 1.72
C MET A 184 1.50 17.92 3.21
N ALA A 185 1.19 16.71 3.69
CA ALA A 185 1.46 16.35 5.08
C ALA A 185 2.96 16.47 5.41
N ALA A 186 3.81 16.07 4.46
CA ALA A 186 5.26 16.16 4.65
C ALA A 186 5.71 17.60 4.84
N ASP A 187 5.15 18.50 4.02
CA ASP A 187 5.49 19.92 4.11
C ASP A 187 4.92 20.61 5.34
N TYR A 188 3.68 20.30 5.71
CA TYR A 188 2.94 21.20 6.60
C TYR A 188 2.62 20.67 8.00
N SER A 189 2.74 19.36 8.24
CA SER A 189 2.34 18.81 9.54
C SER A 189 3.13 19.45 10.68
N GLY A 190 4.42 19.70 10.46
CA GLY A 190 5.26 20.32 11.48
C GLY A 190 5.01 21.80 11.63
N ARG A 191 4.19 22.36 10.74
CA ARG A 191 3.87 23.78 10.76
C ARG A 191 2.47 24.05 11.27
N GLY A 192 1.83 23.04 11.84
CA GLY A 192 0.52 23.24 12.45
C GLY A 192 -0.67 22.84 11.58
N VAL A 193 -0.41 22.34 10.38
CA VAL A 193 -1.50 21.97 9.46
C VAL A 193 -1.48 20.47 9.12
N ARG A 194 -2.50 19.74 9.57
CA ARG A 194 -2.65 18.34 9.23
C ARG A 194 -3.33 18.21 7.88
N VAL A 195 -2.90 17.22 7.10
CA VAL A 195 -3.49 16.99 5.79
C VAL A 195 -3.75 15.50 5.63
N ASN A 196 -5.00 15.12 5.38
CA ASN A 196 -5.38 13.71 5.25
C ASN A 196 -6.31 13.52 4.06
N ALA A 197 -6.49 12.26 3.65
CA ALA A 197 -7.38 11.98 2.54
C ALA A 197 -8.37 10.93 2.99
N VAL A 198 -9.65 11.15 2.72
CA VAL A 198 -10.63 10.10 2.91
C VAL A 198 -10.80 9.42 1.55
N CYS A 199 -10.84 8.09 1.55
CA CYS A 199 -10.97 7.34 0.30
C CYS A 199 -12.25 6.52 0.35
N PRO A 200 -13.37 7.13 -0.04
CA PRO A 200 -14.65 6.44 0.08
C PRO A 200 -14.84 5.34 -0.96
N GLY A 201 -15.57 4.30 -0.58
CA GLY A 201 -16.14 3.38 -1.55
C GLY A 201 -17.35 4.03 -2.20
N THR A 202 -17.95 3.33 -3.15
CA THR A 202 -19.14 3.82 -3.87
C THR A 202 -20.28 4.28 -2.95
N VAL A 203 -20.79 5.47 -3.23
CA VAL A 203 -21.94 6.03 -2.53
C VAL A 203 -22.97 6.30 -3.63
N THR A 204 -24.01 5.49 -3.68
CA THR A 204 -24.93 5.49 -4.82
C THR A 204 -25.88 6.67 -4.90
N SER A 205 -26.23 7.26 -3.76
CA SER A 205 -27.34 8.21 -3.74
C SER A 205 -27.01 9.61 -4.26
N THR A 206 -25.73 9.94 -4.39
CA THR A 206 -25.37 11.26 -4.86
C THR A 206 -25.49 11.36 -6.39
N GLY A 207 -25.39 12.57 -6.92
CA GLY A 207 -25.37 12.76 -8.36
C GLY A 207 -24.30 11.92 -9.05
N MET A 208 -23.12 11.85 -8.43
CA MET A 208 -22.03 11.07 -9.00
C MET A 208 -22.34 9.59 -8.89
N GLY A 209 -22.92 9.19 -7.77
CA GLY A 209 -23.33 7.80 -7.60
C GLY A 209 -24.33 7.38 -8.66
N GLN A 210 -25.28 8.25 -8.95
CA GLN A 210 -26.28 7.97 -9.99
C GLN A 210 -25.63 7.95 -11.37
N GLN A 211 -24.67 8.86 -11.57
CA GLN A 211 -23.88 8.88 -12.80
C GLN A 211 -23.16 7.55 -13.02
N LEU A 212 -22.66 6.96 -11.92
CA LEU A 212 -21.96 5.67 -11.99
C LEU A 212 -22.89 4.51 -12.34
N LEU A 213 -24.02 4.42 -11.64
CA LEU A 213 -25.05 3.42 -11.93
C LEU A 213 -25.46 3.49 -13.39
N GLY A 214 -25.98 4.65 -13.79
CA GLY A 214 -26.49 4.87 -15.14
C GLY A 214 -25.58 4.44 -16.28
N SER A 215 -24.30 4.28 -15.98
CA SER A 215 -23.32 3.97 -17.03
C SER A 215 -23.31 2.51 -17.45
N ASP A 216 -23.94 1.64 -16.65
CA ASP A 216 -24.10 0.24 -17.02
C ASP A 216 -25.35 -0.33 -16.37
N THR A 217 -26.32 -0.68 -17.22
CA THR A 217 -27.68 -0.95 -16.78
C THR A 217 -27.94 -2.40 -16.37
N SER A 218 -27.14 -3.33 -16.90
CA SER A 218 -27.28 -4.76 -16.58
C SER A 218 -27.34 -5.00 -15.08
N PRO A 219 -28.09 -6.02 -14.65
CA PRO A 219 -28.08 -6.30 -13.20
C PRO A 219 -27.01 -7.31 -12.80
N GLU A 220 -26.38 -7.98 -13.76
CA GLU A 220 -25.22 -8.81 -13.45
C GLU A 220 -24.09 -7.89 -13.01
N VAL A 221 -23.85 -6.82 -13.76
CA VAL A 221 -22.80 -5.85 -13.42
C VAL A 221 -23.15 -5.10 -12.14
N GLN A 222 -24.43 -4.86 -11.92
CA GLN A 222 -24.90 -4.18 -10.70
C GLN A 222 -24.59 -5.02 -9.47
N ALA A 223 -24.93 -6.31 -9.53
CA ALA A 223 -24.64 -7.23 -8.44
C ALA A 223 -23.15 -7.59 -8.40
N ARG A 224 -22.50 -7.52 -9.55
CA ARG A 224 -21.06 -7.73 -9.61
C ARG A 224 -20.36 -6.64 -8.80
N ARG A 225 -20.82 -5.40 -8.98
CA ARG A 225 -20.23 -4.26 -8.27
C ARG A 225 -20.43 -4.40 -6.77
N LEU A 226 -21.65 -4.77 -6.35
CA LEU A 226 -21.96 -4.86 -4.92
C LEU A 226 -21.15 -5.98 -4.25
N ALA A 227 -20.81 -7.01 -5.01
CA ALA A 227 -20.04 -8.12 -4.46
C ALA A 227 -18.59 -7.74 -4.18
N LYS A 228 -18.18 -6.57 -4.63
CA LYS A 228 -16.84 -6.07 -4.35
C LYS A 228 -16.75 -5.53 -2.92
N TYR A 229 -17.90 -5.37 -2.28
CA TYR A 229 -17.99 -4.78 -0.95
C TYR A 229 -18.34 -5.82 0.11
N PRO A 230 -17.33 -6.24 0.90
CA PRO A 230 -17.55 -7.25 1.95
C PRO A 230 -18.72 -6.91 2.87
N ILE A 231 -18.91 -5.63 3.16
CA ILE A 231 -19.95 -5.23 4.10
C ILE A 231 -21.37 -5.50 3.56
N GLY A 232 -21.49 -5.67 2.25
CA GLY A 232 -22.74 -6.08 1.64
C GLY A 232 -23.69 -4.95 1.28
N ARG A 233 -23.22 -3.72 1.34
CA ARG A 233 -23.99 -2.56 0.92
C ARG A 233 -23.03 -1.49 0.43
N PHE A 234 -23.56 -0.49 -0.27
CA PHE A 234 -22.77 0.65 -0.66
C PHE A 234 -22.82 1.69 0.45
N GLY A 235 -22.02 2.75 0.32
CA GLY A 235 -21.93 3.77 1.36
C GLY A 235 -23.05 4.78 1.25
N THR A 236 -23.26 5.54 2.32
CA THR A 236 -24.15 6.69 2.29
C THR A 236 -23.31 7.95 2.48
N PRO A 237 -23.82 9.12 2.07
CA PRO A 237 -23.09 10.36 2.30
C PRO A 237 -22.79 10.55 3.78
N GLU A 238 -23.71 10.11 4.63
CA GLU A 238 -23.54 10.23 6.07
C GLU A 238 -22.36 9.38 6.59
N ASP A 239 -22.20 8.17 6.04
CA ASP A 239 -21.06 7.32 6.38
C ASP A 239 -19.74 8.05 6.17
N ILE A 240 -19.62 8.70 5.01
CA ILE A 240 -18.36 9.33 4.65
C ILE A 240 -18.16 10.60 5.48
N ALA A 241 -19.25 11.34 5.69
CA ALA A 241 -19.22 12.56 6.49
C ALA A 241 -18.65 12.32 7.89
N GLU A 242 -19.01 11.20 8.53
CA GLU A 242 -18.52 10.96 9.90
C GLU A 242 -17.00 10.81 9.95
N ALA A 243 -16.41 10.19 8.93
CA ALA A 243 -14.95 10.04 8.89
C ALA A 243 -14.30 11.41 8.70
N VAL A 244 -14.88 12.23 7.84
CA VAL A 244 -14.35 13.57 7.62
C VAL A 244 -14.42 14.40 8.90
N ILE A 245 -15.53 14.31 9.65
CA ILE A 245 -15.67 15.03 10.91
C ILE A 245 -14.57 14.62 11.89
N PHE A 246 -14.31 13.32 11.99
CA PHE A 246 -13.21 12.86 12.84
C PHE A 246 -11.89 13.50 12.44
N LEU A 247 -11.56 13.45 11.15
CA LEU A 247 -10.29 14.00 10.67
C LEU A 247 -10.19 15.51 10.88
N LEU A 248 -11.30 16.23 10.81
CA LEU A 248 -11.28 17.67 11.02
C LEU A 248 -11.11 18.05 12.50
N SER A 249 -11.47 17.12 13.38
CA SER A 249 -11.54 17.42 14.82
C SER A 249 -10.17 17.37 15.47
N ASP A 250 -10.05 18.06 16.60
CA ASP A 250 -8.77 18.05 17.31
C ASP A 250 -8.50 16.71 18.02
N GLN A 251 -9.51 15.83 18.04
CA GLN A 251 -9.31 14.47 18.53
C GLN A 251 -8.41 13.67 17.58
N ALA A 252 -8.25 14.18 16.35
CA ALA A 252 -7.38 13.55 15.36
C ALA A 252 -6.03 14.26 15.29
N ALA A 253 -5.59 14.83 16.41
CA ALA A 253 -4.39 15.68 16.44
C ALA A 253 -3.10 15.02 15.95
N PHE A 254 -3.02 13.69 16.04
CA PHE A 254 -1.81 12.96 15.64
C PHE A 254 -2.01 12.33 14.25
N VAL A 255 -3.17 12.55 13.66
CA VAL A 255 -3.47 11.94 12.36
C VAL A 255 -3.15 12.89 11.22
N THR A 256 -2.14 12.53 10.43
CA THR A 256 -1.75 13.37 9.29
C THR A 256 -1.05 12.52 8.25
N GLY A 257 -1.29 12.83 6.99
CA GLY A 257 -0.72 12.06 5.88
C GLY A 257 -1.42 10.74 5.61
N ALA A 258 -2.54 10.49 6.30
CA ALA A 258 -3.25 9.23 6.15
C ALA A 258 -4.17 9.22 4.95
N ALA A 259 -4.23 8.07 4.28
CA ALA A 259 -5.26 7.80 3.28
C ALA A 259 -6.24 6.83 3.92
N PHE A 260 -7.35 7.35 4.43
CA PHE A 260 -8.27 6.61 5.27
C PHE A 260 -9.37 5.97 4.43
N ALA A 261 -9.31 4.64 4.28
CA ALA A 261 -10.31 3.93 3.47
C ALA A 261 -11.65 3.81 4.21
N VAL A 262 -12.69 4.40 3.63
CA VAL A 262 -14.05 4.32 4.19
C VAL A 262 -14.91 3.66 3.13
N ASP A 263 -14.80 2.35 3.04
CA ASP A 263 -15.17 1.67 1.79
C ASP A 263 -15.81 0.30 1.95
N GLY A 264 -16.36 0.02 3.12
CA GLY A 264 -17.04 -1.24 3.33
C GLY A 264 -16.18 -2.47 3.12
N GLY A 265 -14.86 -2.31 3.17
CA GLY A 265 -13.95 -3.43 3.01
C GLY A 265 -13.43 -3.63 1.59
N MET A 266 -13.82 -2.76 0.66
CA MET A 266 -13.51 -2.97 -0.75
C MET A 266 -12.01 -3.16 -1.02
N THR A 267 -11.18 -2.27 -0.49
CA THR A 267 -9.75 -2.36 -0.75
C THR A 267 -9.05 -3.35 0.16
N ALA A 268 -9.77 -3.95 1.09
CA ALA A 268 -9.17 -4.96 1.97
C ALA A 268 -9.13 -6.34 1.33
N ILE A 269 -9.92 -6.55 0.27
CA ILE A 269 -9.94 -7.81 -0.45
C ILE A 269 -9.46 -7.70 -1.91
N ASN B 17 19.21 -12.68 -25.42
CA ASN B 17 18.08 -12.54 -26.35
C ASN B 17 16.71 -12.54 -25.67
N ARG B 18 16.62 -11.91 -24.50
CA ARG B 18 15.37 -11.88 -23.76
C ARG B 18 14.28 -11.05 -24.45
N LEU B 19 14.69 -10.16 -25.35
CA LEU B 19 13.74 -9.35 -26.10
C LEU B 19 13.86 -9.57 -27.60
N LYS B 20 14.25 -10.78 -27.98
CA LYS B 20 14.28 -11.20 -29.37
C LYS B 20 12.94 -10.93 -30.04
N ASN B 21 12.98 -10.29 -31.21
CA ASN B 21 11.77 -9.97 -31.96
C ASN B 21 10.82 -9.00 -31.25
N GLU B 22 11.30 -8.29 -30.24
CA GLU B 22 10.49 -7.24 -29.64
C GLU B 22 10.83 -5.92 -30.31
N VAL B 23 9.85 -5.03 -30.38
CA VAL B 23 10.02 -3.68 -30.93
C VAL B 23 9.49 -2.72 -29.88
N ILE B 24 10.39 -1.90 -29.33
CA ILE B 24 10.10 -1.11 -28.14
C ILE B 24 10.24 0.38 -28.43
N ALA B 25 9.20 1.16 -28.12
CA ALA B 25 9.30 2.62 -28.19
C ALA B 25 9.56 3.16 -26.80
N ILE B 26 10.48 4.11 -26.68
CA ILE B 26 10.86 4.68 -25.39
C ILE B 26 10.74 6.19 -25.44
N THR B 27 9.76 6.76 -24.74
CA THR B 27 9.63 8.22 -24.72
C THR B 27 10.71 8.78 -23.81
N GLY B 28 11.19 9.98 -24.12
CA GLY B 28 12.29 10.55 -23.37
C GLY B 28 13.54 9.69 -23.52
N GLY B 29 13.66 9.03 -24.66
CA GLY B 29 14.71 8.05 -24.85
C GLY B 29 16.09 8.57 -25.23
N GLY B 30 16.21 9.89 -25.41
CA GLY B 30 17.48 10.45 -25.86
C GLY B 30 18.58 10.58 -24.82
N ALA B 31 18.23 10.49 -23.54
CA ALA B 31 19.18 10.71 -22.46
C ALA B 31 18.72 10.01 -21.19
N GLY B 32 19.58 10.00 -20.17
CA GLY B 32 19.23 9.53 -18.84
C GLY B 32 18.74 8.09 -18.78
N ILE B 33 17.76 7.85 -17.92
CA ILE B 33 17.27 6.49 -17.74
C ILE B 33 16.75 5.92 -19.06
N GLY B 34 16.04 6.73 -19.85
CA GLY B 34 15.49 6.26 -21.11
C GLY B 34 16.55 5.71 -22.04
N LEU B 35 17.69 6.37 -22.10
CA LEU B 35 18.80 5.93 -22.94
C LEU B 35 19.38 4.62 -22.45
N ALA B 36 19.46 4.47 -21.13
CA ALA B 36 19.97 3.23 -20.54
C ALA B 36 19.03 2.07 -20.84
N ILE B 37 17.74 2.34 -20.78
CA ILE B 37 16.75 1.32 -21.14
C ILE B 37 16.98 0.89 -22.60
N ALA B 38 17.18 1.87 -23.47
CA ALA B 38 17.46 1.58 -24.88
C ALA B 38 18.68 0.67 -25.04
N SER B 39 19.77 1.02 -24.36
CA SER B 39 21.00 0.23 -24.42
C SER B 39 20.75 -1.22 -24.01
N ALA B 40 20.08 -1.39 -22.88
CA ALA B 40 19.79 -2.72 -22.34
C ALA B 40 18.84 -3.52 -23.25
N ALA B 41 17.87 -2.84 -23.83
CA ALA B 41 16.92 -3.49 -24.73
C ALA B 41 17.62 -3.99 -25.99
N LEU B 42 18.52 -3.17 -26.55
CA LEU B 42 19.33 -3.59 -27.70
C LEU B 42 20.22 -4.79 -27.35
N ARG B 43 20.78 -4.79 -26.14
CA ARG B 43 21.59 -5.90 -25.67
C ARG B 43 20.79 -7.18 -25.72
N GLU B 44 19.50 -7.08 -25.43
CA GLU B 44 18.64 -8.26 -25.38
C GLU B 44 17.95 -8.57 -26.70
N GLY B 45 18.37 -7.89 -27.76
CA GLY B 45 17.90 -8.20 -29.10
C GLY B 45 16.69 -7.44 -29.62
N ALA B 46 16.20 -6.45 -28.87
CA ALA B 46 15.08 -5.65 -29.36
C ALA B 46 15.52 -4.68 -30.44
N LYS B 47 14.54 -4.23 -31.21
CA LYS B 47 14.68 -3.02 -32.02
C LYS B 47 14.05 -1.89 -31.21
N VAL B 48 14.66 -0.72 -31.25
CA VAL B 48 14.23 0.35 -30.37
C VAL B 48 13.96 1.66 -31.11
N ALA B 49 12.91 2.35 -30.69
CA ALA B 49 12.63 3.70 -31.17
C ALA B 49 12.80 4.65 -29.99
N LEU B 50 13.69 5.63 -30.14
CA LEU B 50 13.90 6.66 -29.14
C LEU B 50 13.02 7.83 -29.52
N ILE B 51 12.04 8.14 -28.69
CA ILE B 51 11.18 9.30 -28.98
C ILE B 51 11.45 10.40 -27.97
N ASP B 52 11.94 11.55 -28.42
CA ASP B 52 12.34 12.59 -27.48
C ASP B 52 11.83 13.96 -27.92
N LEU B 53 11.61 14.85 -26.96
CA LEU B 53 11.24 16.23 -27.25
C LEU B 53 12.34 16.87 -28.07
N ASP B 54 13.57 16.44 -27.80
CA ASP B 54 14.75 16.91 -28.53
C ASP B 54 15.04 15.91 -29.67
N GLN B 55 14.61 16.26 -30.87
CA GLN B 55 14.72 15.36 -32.01
C GLN B 55 16.17 15.05 -32.37
N GLY B 56 17.00 16.09 -32.39
CA GLY B 56 18.42 15.91 -32.67
C GLY B 56 19.08 14.97 -31.69
N LEU B 57 18.78 15.13 -30.41
CA LEU B 57 19.33 14.25 -29.37
C LEU B 57 18.92 12.80 -29.61
N ALA B 58 17.64 12.60 -29.93
CA ALA B 58 17.13 11.26 -30.19
C ALA B 58 17.86 10.62 -31.37
N GLU B 59 18.09 11.40 -32.42
CA GLU B 59 18.79 10.88 -33.60
C GLU B 59 20.26 10.58 -33.31
N ARG B 60 20.95 11.51 -32.65
CA ARG B 60 22.34 11.29 -32.28
C ARG B 60 22.52 10.07 -31.36
N SER B 61 21.69 9.97 -30.34
CA SER B 61 21.74 8.84 -29.41
C SER B 61 21.41 7.52 -30.12
N ALA B 62 20.45 7.54 -31.04
CA ALA B 62 20.10 6.34 -31.77
C ALA B 62 21.28 5.86 -32.61
N ALA B 63 21.97 6.79 -33.26
CA ALA B 63 23.13 6.44 -34.07
C ALA B 63 24.25 5.88 -33.21
N MET B 64 24.50 6.52 -32.07
CA MET B 64 25.51 6.09 -31.12
C MET B 64 25.27 4.62 -30.72
N LEU B 65 24.00 4.25 -30.57
CA LEU B 65 23.65 2.93 -30.08
C LEU B 65 23.62 1.88 -31.18
N SER B 66 23.52 2.33 -32.42
CA SER B 66 23.36 1.41 -33.55
C SER B 66 24.67 0.76 -33.96
N THR B 67 25.19 -0.12 -33.09
CA THR B 67 26.45 -0.81 -33.35
C THR B 67 26.24 -2.32 -33.25
N GLY B 68 27.09 -3.08 -33.93
CA GLY B 68 27.03 -4.53 -33.87
C GLY B 68 25.71 -5.08 -34.40
N GLY B 69 25.12 -4.34 -35.33
CA GLY B 69 23.87 -4.76 -35.95
C GLY B 69 22.61 -4.30 -35.21
N ALA B 70 22.81 -3.65 -34.07
CA ALA B 70 21.68 -3.17 -33.26
C ALA B 70 20.88 -2.14 -34.04
N VAL B 71 19.56 -2.24 -33.96
CA VAL B 71 18.67 -1.33 -34.67
C VAL B 71 17.98 -0.35 -33.71
N ALA B 72 18.44 0.90 -33.73
CA ALA B 72 17.84 1.97 -32.92
C ALA B 72 17.62 3.19 -33.81
N LYS B 73 16.44 3.79 -33.73
CA LYS B 73 16.09 4.95 -34.55
C LYS B 73 15.52 6.05 -33.67
N GLY B 74 15.78 7.31 -34.04
CA GLY B 74 15.36 8.46 -33.26
C GLY B 74 14.19 9.20 -33.88
N PHE B 75 13.30 9.71 -33.03
CA PHE B 75 12.10 10.41 -33.48
C PHE B 75 11.87 11.60 -32.56
N GLY B 76 11.34 12.68 -33.11
CA GLY B 76 11.07 13.86 -32.31
C GLY B 76 9.58 13.97 -32.00
N ALA B 77 9.24 14.15 -30.73
CA ALA B 77 7.87 14.41 -30.34
C ALA B 77 7.75 14.90 -28.91
N ASP B 78 6.85 15.85 -28.69
CA ASP B 78 6.44 16.24 -27.35
C ASP B 78 5.28 15.33 -26.95
N VAL B 79 5.43 14.57 -25.86
CA VAL B 79 4.39 13.61 -25.47
C VAL B 79 3.07 14.25 -25.05
N THR B 80 3.08 15.56 -24.78
CA THR B 80 1.86 16.27 -24.38
C THR B 80 1.05 16.73 -25.59
N LYS B 81 1.59 16.48 -26.79
CA LYS B 81 0.92 16.94 -28.00
C LYS B 81 0.42 15.73 -28.77
N ALA B 82 -0.89 15.49 -28.68
CA ALA B 82 -1.48 14.27 -29.21
C ALA B 82 -1.06 13.95 -30.65
N ALA B 83 -1.18 14.93 -31.54
CA ALA B 83 -0.84 14.68 -32.94
C ALA B 83 0.64 14.31 -33.12
N ASP B 84 1.52 14.98 -32.38
CA ASP B 84 2.94 14.75 -32.52
C ASP B 84 3.36 13.39 -31.99
N ILE B 85 2.86 13.01 -30.82
CA ILE B 85 3.26 11.71 -30.27
C ILE B 85 2.64 10.57 -31.09
N THR B 86 1.45 10.81 -31.63
CA THR B 86 0.77 9.82 -32.45
C THR B 86 1.56 9.61 -33.74
N ALA B 87 1.96 10.72 -34.36
CA ALA B 87 2.75 10.63 -35.60
C ALA B 87 4.10 9.95 -35.36
N ALA B 88 4.73 10.23 -34.22
CA ALA B 88 6.00 9.61 -33.89
C ALA B 88 5.87 8.10 -33.73
N ILE B 89 4.84 7.66 -33.03
CA ILE B 89 4.61 6.23 -32.84
C ILE B 89 4.26 5.53 -34.17
N THR B 90 3.40 6.15 -34.98
CA THR B 90 3.13 5.64 -36.32
C THR B 90 4.41 5.53 -37.17
N SER B 91 5.27 6.54 -37.10
CA SER B 91 6.52 6.51 -37.86
C SER B 91 7.47 5.42 -37.34
N ALA B 92 7.52 5.27 -36.02
CA ALA B 92 8.32 4.21 -35.42
C ALA B 92 7.89 2.86 -35.97
N GLU B 93 6.59 2.61 -35.93
CA GLU B 93 6.05 1.35 -36.43
C GLU B 93 6.36 1.16 -37.91
N GLN B 94 6.25 2.23 -38.70
CA GLN B 94 6.58 2.14 -40.12
C GLN B 94 8.07 1.82 -40.34
N THR B 95 8.92 2.36 -39.46
CA THR B 95 10.38 2.29 -39.57
C THR B 95 11.00 0.99 -39.03
N ILE B 96 10.52 0.52 -37.88
CA ILE B 96 11.12 -0.66 -37.26
C ILE B 96 10.17 -1.83 -37.01
N GLY B 97 8.88 -1.63 -37.27
CA GLY B 97 7.92 -2.70 -37.10
C GLY B 97 6.87 -2.39 -36.05
N SER B 98 5.80 -3.19 -36.03
CA SER B 98 4.70 -2.97 -35.09
C SER B 98 5.20 -3.07 -33.65
N LEU B 99 4.77 -2.14 -32.80
CA LEU B 99 5.22 -2.11 -31.40
C LEU B 99 4.80 -3.35 -30.62
N THR B 100 5.72 -3.90 -29.84
CA THR B 100 5.35 -4.87 -28.82
C THR B 100 5.49 -4.28 -27.42
N GLY B 101 6.29 -3.22 -27.28
CA GLY B 101 6.45 -2.55 -26.00
C GLY B 101 6.51 -1.03 -26.08
N LEU B 102 5.96 -0.38 -25.05
CA LEU B 102 6.08 1.07 -24.89
C LEU B 102 6.56 1.39 -23.48
N VAL B 103 7.59 2.23 -23.38
CA VAL B 103 8.08 2.69 -22.09
C VAL B 103 7.81 4.17 -22.01
N ASN B 104 6.91 4.55 -21.10
CA ASN B 104 6.54 5.94 -20.90
C ASN B 104 7.51 6.58 -19.92
N ASN B 105 8.73 6.81 -20.38
CA ASN B 105 9.82 7.29 -19.53
C ASN B 105 9.88 8.82 -19.44
N ALA B 106 9.37 9.52 -20.46
CA ALA B 106 9.37 11.00 -20.44
C ALA B 106 8.71 11.53 -19.17
N GLY B 107 9.39 12.46 -18.53
CA GLY B 107 8.88 13.07 -17.34
C GLY B 107 9.75 14.27 -17.05
N ILE B 108 9.20 15.24 -16.35
CA ILE B 108 10.00 16.33 -15.82
C ILE B 108 9.66 16.49 -14.34
N ALA B 109 10.58 17.13 -13.63
CA ALA B 109 10.40 17.43 -12.22
C ALA B 109 10.51 18.92 -12.01
N GLY B 110 10.05 19.37 -10.84
CA GLY B 110 10.16 20.76 -10.46
C GLY B 110 9.90 20.87 -8.98
N PHE B 111 10.13 22.05 -8.42
CA PHE B 111 9.86 22.27 -6.99
C PHE B 111 8.75 23.27 -6.78
N GLY B 112 8.13 23.18 -5.60
CA GLY B 112 7.05 24.07 -5.23
C GLY B 112 6.08 23.34 -4.30
N SER B 113 5.80 23.94 -3.15
CA SER B 113 4.82 23.37 -2.23
C SER B 113 3.48 23.94 -2.62
N VAL B 114 2.39 23.34 -2.14
CA VAL B 114 1.05 23.78 -2.52
C VAL B 114 0.80 25.26 -2.25
N HIS B 115 1.33 25.78 -1.15
CA HIS B 115 1.05 27.17 -0.79
C HIS B 115 1.68 28.21 -1.72
N ASP B 116 2.76 27.85 -2.42
CA ASP B 116 3.45 28.83 -3.26
C ASP B 116 3.88 28.35 -4.65
N ALA B 117 3.39 27.18 -5.05
CA ALA B 117 3.80 26.59 -6.32
C ALA B 117 3.38 27.40 -7.53
N ASP B 118 4.29 27.50 -8.50
CA ASP B 118 4.01 28.07 -9.83
C ASP B 118 2.93 27.22 -10.49
N ALA B 119 1.76 27.81 -10.71
CA ALA B 119 0.63 27.08 -11.28
C ALA B 119 0.88 26.60 -12.71
N ALA B 120 1.57 27.42 -13.50
CA ALA B 120 1.92 27.06 -14.86
C ALA B 120 2.91 25.89 -14.88
N ALA B 121 3.88 25.92 -13.98
CA ALA B 121 4.82 24.82 -13.84
C ALA B 121 4.10 23.55 -13.38
N TRP B 122 3.16 23.70 -12.46
CA TRP B 122 2.32 22.59 -12.01
C TRP B 122 1.66 21.90 -13.20
N ASP B 123 0.99 22.68 -14.05
CA ASP B 123 0.32 22.14 -15.22
C ASP B 123 1.29 21.45 -16.17
N ARG B 124 2.48 22.00 -16.35
CA ARG B 124 3.44 21.40 -17.27
C ARG B 124 3.97 20.06 -16.73
N ILE B 125 4.20 20.01 -15.43
CA ILE B 125 4.65 18.78 -14.77
C ILE B 125 3.56 17.69 -14.89
N MET B 126 2.32 18.04 -14.57
CA MET B 126 1.21 17.10 -14.75
C MET B 126 1.07 16.69 -16.22
N ALA B 127 1.20 17.66 -17.13
CA ALA B 127 1.11 17.37 -18.56
C ALA B 127 2.15 16.37 -19.06
N VAL B 128 3.44 16.63 -18.82
CA VAL B 128 4.46 15.73 -19.37
C VAL B 128 4.33 14.34 -18.78
N ASN B 129 4.21 14.27 -17.45
CA ASN B 129 4.14 13.00 -16.76
C ASN B 129 2.84 12.25 -17.02
N VAL B 130 1.71 12.86 -16.65
CA VAL B 130 0.44 12.15 -16.71
C VAL B 130 -0.20 12.19 -18.10
N THR B 131 -0.36 13.38 -18.67
CA THR B 131 -0.95 13.47 -20.00
C THR B 131 -0.10 12.75 -21.05
N GLY B 132 1.21 12.85 -20.92
CA GLY B 132 2.12 12.16 -21.84
C GLY B 132 1.96 10.66 -21.77
N THR B 133 1.82 10.12 -20.56
CA THR B 133 1.61 8.68 -20.39
C THR B 133 0.29 8.28 -21.04
N PHE B 134 -0.73 9.08 -20.83
CA PHE B 134 -2.03 8.88 -21.45
C PHE B 134 -1.95 8.91 -22.99
N LEU B 135 -1.42 9.99 -23.55
CA LEU B 135 -1.44 10.16 -25.00
C LEU B 135 -0.55 9.14 -25.74
N ALA B 136 0.63 8.87 -25.21
CA ALA B 136 1.54 7.91 -25.83
C ALA B 136 0.90 6.51 -25.77
N SER B 137 0.33 6.15 -24.62
CA SER B 137 -0.33 4.86 -24.50
C SER B 137 -1.50 4.76 -25.46
N LYS B 138 -2.28 5.84 -25.58
CA LYS B 138 -3.43 5.86 -26.47
C LYS B 138 -3.02 5.53 -27.91
N ALA B 139 -1.90 6.11 -28.33
CA ALA B 139 -1.40 5.89 -29.69
C ALA B 139 -0.96 4.44 -29.89
N ALA B 140 -0.28 3.89 -28.90
CA ALA B 140 0.27 2.54 -28.98
C ALA B 140 -0.79 1.46 -28.83
N LEU B 141 -1.83 1.75 -28.05
CA LEU B 141 -2.83 0.75 -27.72
C LEU B 141 -3.68 0.31 -28.91
N ALA B 142 -3.88 1.20 -29.87
CA ALA B 142 -4.65 0.82 -31.06
C ALA B 142 -4.08 -0.46 -31.67
N GLY B 143 -2.79 -0.45 -31.99
CA GLY B 143 -2.13 -1.61 -32.57
C GLY B 143 -2.00 -2.77 -31.61
N MET B 144 -1.61 -2.49 -30.37
CA MET B 144 -1.40 -3.56 -29.40
C MET B 144 -2.68 -4.34 -29.15
N LEU B 145 -3.81 -3.64 -29.02
CA LEU B 145 -5.08 -4.30 -28.77
C LEU B 145 -5.54 -5.07 -30.00
N GLU B 146 -5.26 -4.50 -31.17
CA GLU B 146 -5.59 -5.14 -32.43
C GLU B 146 -4.87 -6.48 -32.53
N ARG B 147 -3.65 -6.52 -32.00
CA ARG B 147 -2.80 -7.70 -32.07
C ARG B 147 -2.86 -8.58 -30.81
N HIS B 148 -3.66 -8.17 -29.84
CA HIS B 148 -3.77 -8.87 -28.56
C HIS B 148 -2.40 -9.12 -27.91
N LYS B 149 -1.52 -8.12 -27.99
CA LYS B 149 -0.13 -8.31 -27.59
C LYS B 149 0.57 -6.99 -27.35
N GLY B 150 0.99 -6.76 -26.12
CA GLY B 150 1.78 -5.59 -25.79
C GLY B 150 2.20 -5.57 -24.34
N THR B 151 3.16 -4.72 -24.03
CA THR B 151 3.59 -4.49 -22.66
C THR B 151 3.91 -3.01 -22.54
N ILE B 152 3.34 -2.35 -21.53
CA ILE B 152 3.55 -0.92 -21.34
C ILE B 152 4.18 -0.74 -19.96
N VAL B 153 5.29 -0.02 -19.91
CA VAL B 153 5.94 0.27 -18.63
C VAL B 153 5.87 1.77 -18.38
N ASN B 154 5.18 2.15 -17.30
CA ASN B 154 5.06 3.55 -16.92
C ASN B 154 6.09 3.88 -15.87
N PHE B 155 6.38 5.17 -15.72
CA PHE B 155 7.38 5.59 -14.76
C PHE B 155 6.77 6.33 -13.58
N GLY B 156 6.67 5.60 -12.48
CA GLY B 156 6.37 6.23 -11.21
C GLY B 156 7.68 6.73 -10.65
N SER B 157 7.77 6.69 -9.32
CA SER B 157 8.95 7.10 -8.59
C SER B 157 8.64 6.76 -7.14
N VAL B 158 9.65 6.79 -6.28
CA VAL B 158 9.35 6.79 -4.86
C VAL B 158 8.45 7.97 -4.56
N ALA B 159 8.57 9.04 -5.36
CA ALA B 159 7.77 10.25 -5.18
C ALA B 159 6.30 10.07 -5.57
N GLY B 160 5.96 8.91 -6.10
CA GLY B 160 4.58 8.59 -6.41
C GLY B 160 3.97 7.72 -5.34
N LEU B 161 4.82 7.21 -4.44
CA LEU B 161 4.37 6.30 -3.37
C LEU B 161 4.38 6.96 -1.99
N VAL B 162 5.28 7.91 -1.81
CA VAL B 162 5.35 8.67 -0.57
C VAL B 162 5.45 10.17 -0.86
N GLY B 163 5.33 10.98 0.18
CA GLY B 163 5.43 12.42 0.02
C GLY B 163 6.87 12.89 0.11
N ILE B 164 7.24 13.80 -0.78
CA ILE B 164 8.57 14.39 -0.79
C ILE B 164 8.42 15.87 -0.51
N PRO B 165 9.13 16.38 0.51
CA PRO B 165 9.03 17.81 0.80
C PRO B 165 9.32 18.68 -0.42
N THR B 166 8.52 19.73 -0.58
CA THR B 166 8.69 20.75 -1.63
C THR B 166 8.46 20.29 -3.09
N MET B 167 7.83 19.14 -3.29
CA MET B 167 7.55 18.67 -4.66
C MET B 167 6.08 18.31 -4.86
N ALA B 168 5.19 19.28 -4.67
CA ALA B 168 3.75 19.02 -4.75
C ALA B 168 3.32 18.47 -6.11
N ALA B 169 3.65 19.20 -7.18
CA ALA B 169 3.17 18.83 -8.51
C ALA B 169 3.74 17.48 -8.94
N TYR B 170 5.02 17.25 -8.66
CA TYR B 170 5.65 16.01 -9.08
C TYR B 170 5.09 14.81 -8.32
N CYS B 171 4.86 14.97 -7.02
CA CYS B 171 4.26 13.88 -6.24
C CYS B 171 2.84 13.59 -6.67
N ALA B 172 2.08 14.64 -7.02
CA ALA B 172 0.75 14.44 -7.59
C ALA B 172 0.86 13.67 -8.90
N ALA B 173 1.76 14.11 -9.79
CA ALA B 173 1.91 13.49 -11.11
C ALA B 173 2.31 12.02 -11.00
N LYS B 174 3.33 11.73 -10.20
CA LYS B 174 3.77 10.35 -10.09
C LYS B 174 2.73 9.49 -9.36
N GLY B 175 2.00 10.08 -8.42
CA GLY B 175 0.90 9.36 -7.78
C GLY B 175 -0.16 8.99 -8.79
N ALA B 176 -0.43 9.90 -9.71
CA ALA B 176 -1.39 9.66 -10.77
C ALA B 176 -0.93 8.50 -11.64
N ILE B 177 0.36 8.47 -11.99
CA ILE B 177 0.89 7.42 -12.86
C ILE B 177 0.81 6.05 -12.21
N VAL B 178 1.11 5.98 -10.91
CA VAL B 178 1.04 4.73 -10.17
C VAL B 178 -0.37 4.15 -10.25
N ASN B 179 -1.39 4.97 -9.95
CA ASN B 179 -2.74 4.42 -10.00
C ASN B 179 -3.30 4.27 -11.40
N LEU B 180 -2.90 5.14 -12.33
CA LEU B 180 -3.30 4.98 -13.73
C LEU B 180 -2.82 3.62 -14.24
N THR B 181 -1.63 3.22 -13.81
CA THR B 181 -1.07 1.93 -14.18
C THR B 181 -1.98 0.79 -13.75
N ARG B 182 -2.48 0.86 -12.51
CA ARG B 182 -3.43 -0.11 -12.02
C ARG B 182 -4.70 -0.11 -12.87
N GLN B 183 -5.18 1.07 -13.21
CA GLN B 183 -6.40 1.20 -14.01
C GLN B 183 -6.23 0.60 -15.41
N MET B 184 -5.11 0.90 -16.04
CA MET B 184 -4.80 0.39 -17.38
C MET B 184 -4.66 -1.13 -17.35
N ALA B 185 -4.02 -1.66 -16.31
CA ALA B 185 -3.94 -3.10 -16.13
C ALA B 185 -5.33 -3.71 -16.01
N ALA B 186 -6.22 -3.03 -15.32
CA ALA B 186 -7.58 -3.51 -15.14
C ALA B 186 -8.30 -3.63 -16.48
N ASP B 187 -8.09 -2.66 -17.36
CA ASP B 187 -8.77 -2.66 -18.65
C ASP B 187 -8.16 -3.66 -19.64
N TYR B 188 -6.84 -3.79 -19.63
CA TYR B 188 -6.14 -4.38 -20.77
C TYR B 188 -5.43 -5.70 -20.56
N SER B 189 -5.24 -6.11 -19.30
CA SER B 189 -4.48 -7.33 -19.04
C SER B 189 -5.13 -8.55 -19.72
N GLY B 190 -6.45 -8.61 -19.66
CA GLY B 190 -7.19 -9.71 -20.26
C GLY B 190 -7.25 -9.64 -21.77
N ARG B 191 -6.84 -8.50 -22.33
CA ARG B 191 -6.85 -8.28 -23.78
C ARG B 191 -5.44 -8.42 -24.36
N GLY B 192 -4.52 -8.94 -23.56
CA GLY B 192 -3.19 -9.27 -24.04
C GLY B 192 -2.14 -8.19 -23.83
N VAL B 193 -2.49 -7.13 -23.10
CA VAL B 193 -1.56 -6.03 -22.88
C VAL B 193 -1.28 -5.85 -21.39
N ARG B 194 -0.06 -6.17 -20.97
CA ARG B 194 0.34 -5.97 -19.57
C ARG B 194 0.73 -4.52 -19.36
N VAL B 195 0.39 -3.96 -18.21
CA VAL B 195 0.80 -2.60 -17.89
C VAL B 195 1.34 -2.57 -16.45
N ASN B 196 2.55 -2.05 -16.30
CA ASN B 196 3.23 -2.01 -15.01
C ASN B 196 3.92 -0.66 -14.83
N ALA B 197 4.29 -0.35 -13.59
CA ALA B 197 5.05 0.87 -13.33
C ALA B 197 6.32 0.52 -12.59
N VAL B 198 7.44 1.09 -13.04
CA VAL B 198 8.64 1.04 -12.22
C VAL B 198 8.65 2.31 -11.39
N CYS B 199 9.00 2.17 -10.11
CA CYS B 199 9.08 3.31 -9.20
C CYS B 199 10.52 3.46 -8.71
N PRO B 200 11.34 4.21 -9.42
CA PRO B 200 12.76 4.32 -9.07
C PRO B 200 13.00 5.21 -7.86
N GLY B 201 14.04 4.88 -7.11
CA GLY B 201 14.59 5.80 -6.14
C GLY B 201 15.44 6.81 -6.88
N THR B 202 16.05 7.72 -6.13
CA THR B 202 16.88 8.77 -6.72
C THR B 202 18.00 8.20 -7.57
N VAL B 203 18.16 8.75 -8.77
CA VAL B 203 19.26 8.42 -9.68
C VAL B 203 20.06 9.69 -9.93
N THR B 204 21.27 9.73 -9.39
CA THR B 204 22.09 10.94 -9.35
C THR B 204 22.50 11.51 -10.69
N SER B 205 22.90 10.64 -11.60
CA SER B 205 23.71 11.03 -12.76
C SER B 205 22.95 11.67 -13.91
N THR B 206 21.63 11.58 -13.92
CA THR B 206 20.85 12.12 -15.03
C THR B 206 20.67 13.64 -14.89
N GLY B 207 20.16 14.26 -15.94
CA GLY B 207 19.87 15.68 -15.92
C GLY B 207 18.89 16.02 -14.80
N MET B 208 17.84 15.21 -14.68
CA MET B 208 16.88 15.40 -13.60
C MET B 208 17.53 15.18 -12.24
N GLY B 209 18.35 14.14 -12.12
CA GLY B 209 19.06 13.87 -10.87
C GLY B 209 19.91 15.05 -10.46
N GLN B 210 20.64 15.62 -11.42
CA GLN B 210 21.47 16.80 -11.17
C GLN B 210 20.61 18.01 -10.78
N GLN B 211 19.48 18.17 -11.46
CA GLN B 211 18.52 19.21 -11.10
C GLN B 211 18.06 19.07 -9.66
N LEU B 212 17.81 17.83 -9.25
CA LEU B 212 17.35 17.52 -7.90
C LEU B 212 18.37 17.94 -6.84
N LEU B 213 19.63 17.56 -7.04
CA LEU B 213 20.70 17.88 -6.10
C LEU B 213 20.93 19.38 -6.09
N GLY B 214 20.94 19.97 -7.28
CA GLY B 214 21.14 21.40 -7.44
C GLY B 214 20.07 22.22 -6.74
N SER B 218 26.47 20.81 1.09
CA SER B 218 26.38 20.56 2.52
C SER B 218 26.50 19.08 2.82
N PRO B 219 27.54 18.67 3.55
CA PRO B 219 27.66 17.27 3.97
C PRO B 219 26.39 16.78 4.66
N GLU B 220 25.65 17.68 5.33
CA GLU B 220 24.47 17.29 6.11
C GLU B 220 23.19 17.04 5.30
N VAL B 221 22.91 17.89 4.32
CA VAL B 221 21.65 17.79 3.56
C VAL B 221 21.59 16.58 2.65
N GLN B 222 22.59 16.45 1.78
CA GLN B 222 22.67 15.29 0.90
C GLN B 222 22.74 14.00 1.71
N ALA B 223 23.41 14.06 2.85
CA ALA B 223 23.50 12.90 3.74
C ALA B 223 22.18 12.55 4.38
N ARG B 224 21.34 13.55 4.64
CA ARG B 224 20.00 13.26 5.12
C ARG B 224 19.26 12.51 4.03
N ARG B 225 19.47 12.91 2.78
CA ARG B 225 18.82 12.25 1.66
C ARG B 225 19.31 10.81 1.52
N LEU B 226 20.63 10.63 1.59
CA LEU B 226 21.24 9.31 1.43
C LEU B 226 20.78 8.36 2.53
N ALA B 227 20.50 8.92 3.71
CA ALA B 227 20.05 8.12 4.84
C ALA B 227 18.67 7.49 4.63
N LYS B 228 17.94 7.97 3.62
CA LYS B 228 16.63 7.42 3.33
C LYS B 228 16.71 6.08 2.59
N TYR B 229 17.93 5.73 2.19
CA TYR B 229 18.19 4.55 1.35
C TYR B 229 18.97 3.50 2.11
N PRO B 230 18.26 2.45 2.61
CA PRO B 230 18.89 1.36 3.36
C PRO B 230 20.12 0.80 2.64
N ILE B 231 20.08 0.71 1.32
CA ILE B 231 21.18 0.12 0.58
C ILE B 231 22.46 0.95 0.65
N GLY B 232 22.34 2.21 1.05
CA GLY B 232 23.51 3.05 1.29
C GLY B 232 24.11 3.72 0.06
N ARG B 233 23.38 3.71 -1.06
CA ARG B 233 23.78 4.42 -2.25
C ARG B 233 22.53 4.81 -3.03
N PHE B 234 22.66 5.76 -3.95
CA PHE B 234 21.57 6.10 -4.86
C PHE B 234 21.61 5.18 -6.07
N GLY B 235 20.61 5.28 -6.94
CA GLY B 235 20.50 4.37 -8.07
C GLY B 235 21.31 4.84 -9.26
N THR B 236 21.53 3.94 -10.22
CA THR B 236 22.15 4.31 -11.49
C THR B 236 21.11 4.12 -12.59
N PRO B 237 21.31 4.77 -13.75
CA PRO B 237 20.35 4.53 -14.83
C PRO B 237 20.30 3.06 -15.21
N GLU B 238 21.44 2.37 -15.13
CA GLU B 238 21.53 0.95 -15.44
C GLU B 238 20.72 0.07 -14.48
N ASP B 239 20.69 0.42 -13.19
CA ASP B 239 19.85 -0.30 -12.21
C ASP B 239 18.40 -0.28 -12.63
N ILE B 240 17.92 0.90 -13.03
CA ILE B 240 16.52 1.06 -13.37
C ILE B 240 16.22 0.34 -14.67
N ALA B 241 17.12 0.48 -15.65
CA ALA B 241 16.96 -0.15 -16.95
C ALA B 241 16.75 -1.65 -16.85
N GLU B 242 17.45 -2.31 -15.93
CA GLU B 242 17.32 -3.76 -15.84
C GLU B 242 15.92 -4.16 -15.39
N ALA B 243 15.32 -3.38 -14.50
CA ALA B 243 13.97 -3.68 -14.05
C ALA B 243 12.99 -3.52 -15.20
N VAL B 244 13.18 -2.45 -15.97
CA VAL B 244 12.32 -2.22 -17.12
C VAL B 244 12.42 -3.34 -18.15
N ILE B 245 13.65 -3.81 -18.41
CA ILE B 245 13.85 -4.89 -19.38
C ILE B 245 13.13 -6.16 -18.89
N PHE B 246 13.18 -6.43 -17.59
CA PHE B 246 12.44 -7.58 -17.08
C PHE B 246 10.94 -7.42 -17.36
N LEU B 247 10.37 -6.26 -17.03
CA LEU B 247 8.95 -6.03 -17.23
C LEU B 247 8.52 -6.10 -18.70
N LEU B 248 9.40 -5.65 -19.60
CA LEU B 248 9.13 -5.72 -21.03
C LEU B 248 9.16 -7.14 -21.59
N SER B 249 9.90 -8.01 -20.92
CA SER B 249 10.16 -9.36 -21.44
C SER B 249 9.00 -10.31 -21.20
N ASP B 250 8.92 -11.34 -22.05
CA ASP B 250 7.89 -12.36 -21.90
C ASP B 250 8.10 -13.27 -20.69
N GLN B 251 9.24 -13.12 -20.02
CA GLN B 251 9.47 -13.82 -18.76
C GLN B 251 8.63 -13.18 -17.65
N ALA B 252 8.09 -12.00 -17.92
CA ALA B 252 7.21 -11.32 -16.97
C ALA B 252 5.75 -11.46 -17.38
N ALA B 253 5.42 -12.58 -18.02
CA ALA B 253 4.10 -12.80 -18.59
C ALA B 253 2.91 -12.74 -17.61
N PHE B 254 3.17 -12.98 -16.32
CA PHE B 254 2.10 -12.94 -15.31
C PHE B 254 2.17 -11.64 -14.52
N VAL B 255 3.09 -10.76 -14.88
CA VAL B 255 3.27 -9.53 -14.14
C VAL B 255 2.50 -8.38 -14.81
N THR B 256 1.47 -7.89 -14.12
CA THR B 256 0.67 -6.79 -14.63
C THR B 256 0.00 -6.05 -13.47
N GLY B 257 -0.12 -4.74 -13.61
CA GLY B 257 -0.69 -3.89 -12.57
C GLY B 257 0.25 -3.59 -11.41
N ALA B 258 1.49 -4.05 -11.51
CA ALA B 258 2.45 -3.93 -10.41
C ALA B 258 3.10 -2.56 -10.38
N ALA B 259 3.33 -2.05 -9.17
CA ALA B 259 4.15 -0.87 -8.95
C ALA B 259 5.44 -1.40 -8.36
N PHE B 260 6.44 -1.57 -9.21
CA PHE B 260 7.70 -2.23 -8.83
C PHE B 260 8.70 -1.22 -8.27
N ALA B 261 8.95 -1.28 -6.96
CA ALA B 261 9.89 -0.38 -6.32
C ALA B 261 11.33 -0.82 -6.61
N VAL B 262 12.07 0.05 -7.31
CA VAL B 262 13.50 -0.16 -7.58
C VAL B 262 14.21 1.00 -6.93
N ASP B 263 14.42 0.91 -5.62
CA ASP B 263 14.62 2.12 -4.83
C ASP B 263 15.56 1.94 -3.66
N GLY B 264 16.34 0.86 -3.68
CA GLY B 264 17.35 0.66 -2.65
C GLY B 264 16.77 0.57 -1.25
N GLY B 265 15.50 0.23 -1.14
CA GLY B 265 14.87 0.08 0.17
C GLY B 265 14.14 1.30 0.69
N MET B 266 14.14 2.39 -0.08
CA MET B 266 13.58 3.65 0.40
C MET B 266 12.15 3.50 0.92
N THR B 267 11.28 2.86 0.15
CA THR B 267 9.87 2.79 0.55
C THR B 267 9.58 1.64 1.50
N ALA B 268 10.60 0.85 1.80
CA ALA B 268 10.47 -0.26 2.75
C ALA B 268 10.58 0.19 4.21
N ILE B 269 11.17 1.37 4.42
CA ILE B 269 11.36 1.90 5.77
C ILE B 269 10.56 3.19 6.03
N ASN C 17 -21.87 10.78 24.14
CA ASN C 17 -22.64 9.54 24.04
C ASN C 17 -22.36 8.73 22.79
N ARG C 18 -21.17 8.88 22.21
CA ARG C 18 -20.86 8.18 20.97
C ARG C 18 -20.83 6.65 21.10
N LEU C 19 -20.68 6.16 22.33
CA LEU C 19 -20.66 4.72 22.57
C LEU C 19 -21.70 4.31 23.62
N LYS C 20 -22.77 5.09 23.73
CA LYS C 20 -23.82 4.69 24.67
C LYS C 20 -24.40 3.36 24.20
N ASN C 21 -24.74 2.49 25.16
CA ASN C 21 -25.19 1.13 24.84
C ASN C 21 -24.12 0.22 24.25
N GLU C 22 -22.85 0.63 24.28
CA GLU C 22 -21.79 -0.28 23.85
C GLU C 22 -21.14 -0.93 25.06
N VAL C 23 -20.69 -2.16 24.87
CA VAL C 23 -19.95 -2.91 25.89
C VAL C 23 -18.65 -3.35 25.24
N ILE C 24 -17.53 -2.86 25.75
CA ILE C 24 -16.24 -3.00 25.07
C ILE C 24 -15.24 -3.73 25.95
N ALA C 25 -14.64 -4.80 25.44
CA ALA C 25 -13.54 -5.47 26.13
C ALA C 25 -12.23 -4.98 25.55
N ILE C 26 -11.26 -4.68 26.41
CA ILE C 26 -9.97 -4.16 25.98
C ILE C 26 -8.85 -5.03 26.53
N THR C 27 -8.15 -5.78 25.69
CA THR C 27 -7.03 -6.57 26.19
C THR C 27 -5.83 -5.64 26.45
N GLY C 28 -5.03 -5.99 27.45
CA GLY C 28 -3.93 -5.12 27.84
C GLY C 28 -4.45 -3.81 28.39
N GLY C 29 -5.69 -3.83 28.90
CA GLY C 29 -6.38 -2.62 29.30
C GLY C 29 -5.93 -1.99 30.62
N GLY C 30 -5.05 -2.66 31.33
CA GLY C 30 -4.62 -2.17 32.63
C GLY C 30 -3.69 -0.97 32.63
N ALA C 31 -3.05 -0.70 31.50
CA ALA C 31 -2.07 0.38 31.42
C ALA C 31 -1.92 0.90 30.00
N GLY C 32 -1.15 1.98 29.85
CA GLY C 32 -0.75 2.47 28.55
C GLY C 32 -1.90 2.86 27.62
N ILE C 33 -1.77 2.53 26.34
CA ILE C 33 -2.79 2.90 25.35
C ILE C 33 -4.13 2.27 25.69
N GLY C 34 -4.11 1.00 26.14
CA GLY C 34 -5.31 0.27 26.51
C GLY C 34 -6.13 1.02 27.56
N LEU C 35 -5.45 1.56 28.56
CA LEU C 35 -6.10 2.30 29.64
C LEU C 35 -6.66 3.62 29.12
N ALA C 36 -5.95 4.24 28.18
CA ALA C 36 -6.44 5.48 27.57
C ALA C 36 -7.70 5.22 26.76
N ILE C 37 -7.74 4.08 26.06
CA ILE C 37 -8.94 3.69 25.32
C ILE C 37 -10.11 3.51 26.28
N ALA C 38 -9.89 2.78 27.38
CA ALA C 38 -10.92 2.61 28.41
C ALA C 38 -11.47 3.95 28.88
N SER C 39 -10.58 4.90 29.16
CA SER C 39 -10.99 6.20 29.67
C SER C 39 -11.86 6.94 28.66
N ALA C 40 -11.43 6.94 27.40
CA ALA C 40 -12.21 7.62 26.37
C ALA C 40 -13.52 6.90 26.08
N ALA C 41 -13.54 5.57 26.14
CA ALA C 41 -14.77 4.83 25.90
C ALA C 41 -15.80 5.12 27.00
N LEU C 42 -15.34 5.22 28.24
CA LEU C 42 -16.22 5.59 29.35
C LEU C 42 -16.76 7.01 29.19
N ARG C 43 -15.90 7.91 28.72
CA ARG C 43 -16.32 9.28 28.44
C ARG C 43 -17.50 9.27 27.47
N GLU C 44 -17.50 8.32 26.55
CA GLU C 44 -18.53 8.24 25.51
C GLU C 44 -19.69 7.33 25.89
N GLY C 45 -19.74 6.90 27.14
CA GLY C 45 -20.89 6.19 27.67
C GLY C 45 -20.88 4.67 27.55
N ALA C 46 -19.76 4.10 27.14
CA ALA C 46 -19.64 2.65 27.06
C ALA C 46 -19.43 2.05 28.45
N LYS C 47 -19.69 0.75 28.56
CA LYS C 47 -19.25 -0.03 29.72
C LYS C 47 -18.01 -0.78 29.26
N VAL C 48 -17.02 -0.88 30.13
CA VAL C 48 -15.73 -1.40 29.71
C VAL C 48 -15.25 -2.54 30.58
N ALA C 49 -14.68 -3.56 29.93
CA ALA C 49 -13.96 -4.63 30.62
C ALA C 49 -12.48 -4.52 30.30
N LEU C 50 -11.65 -4.33 31.34
CA LEU C 50 -10.22 -4.31 31.15
C LEU C 50 -9.72 -5.73 31.36
N ILE C 51 -9.06 -6.29 30.35
CA ILE C 51 -8.53 -7.63 30.48
C ILE C 51 -7.01 -7.57 30.37
N ASP C 52 -6.30 -7.99 31.41
CA ASP C 52 -4.86 -7.81 31.44
C ASP C 52 -4.18 -9.04 32.00
N LEU C 53 -2.95 -9.30 31.53
CA LEU C 53 -2.11 -10.34 32.11
C LEU C 53 -1.95 -10.11 33.62
N ASP C 54 -1.82 -8.84 34.00
CA ASP C 54 -1.73 -8.44 35.41
C ASP C 54 -3.14 -8.18 35.92
N GLN C 55 -3.74 -9.18 36.56
CA GLN C 55 -5.12 -9.12 37.02
C GLN C 55 -5.32 -8.01 38.05
N GLY C 56 -4.39 -7.87 38.98
CA GLY C 56 -4.47 -6.85 40.01
C GLY C 56 -4.50 -5.46 39.41
N LEU C 57 -3.67 -5.26 38.38
CA LEU C 57 -3.61 -3.97 37.70
C LEU C 57 -4.93 -3.69 36.98
N ALA C 58 -5.47 -4.69 36.29
CA ALA C 58 -6.76 -4.52 35.63
C ALA C 58 -7.83 -4.06 36.63
N GLU C 59 -7.86 -4.70 37.81
CA GLU C 59 -8.82 -4.35 38.85
C GLU C 59 -8.58 -2.95 39.40
N ARG C 60 -7.33 -2.61 39.70
CA ARG C 60 -7.04 -1.29 40.25
C ARG C 60 -7.33 -0.19 39.24
N SER C 61 -6.97 -0.42 37.99
CA SER C 61 -7.23 0.59 36.96
C SER C 61 -8.74 0.76 36.74
N ALA C 62 -9.48 -0.34 36.73
CA ALA C 62 -10.93 -0.28 36.58
C ALA C 62 -11.56 0.54 37.71
N ALA C 63 -11.09 0.32 38.94
CA ALA C 63 -11.61 1.03 40.10
C ALA C 63 -11.38 2.53 39.98
N MET C 64 -10.17 2.89 39.56
CA MET C 64 -9.79 4.28 39.33
C MET C 64 -10.73 4.95 38.32
N LEU C 65 -11.06 4.23 37.26
CA LEU C 65 -11.88 4.78 36.19
C LEU C 65 -13.36 4.85 36.56
N SER C 66 -13.77 4.07 37.56
CA SER C 66 -15.17 3.91 37.90
C SER C 66 -15.68 5.02 38.82
N THR C 67 -15.64 6.25 38.33
CA THR C 67 -16.20 7.39 39.05
C THR C 67 -17.22 8.07 38.16
N GLY C 68 -18.11 8.84 38.74
CA GLY C 68 -19.11 9.57 37.98
C GLY C 68 -20.14 8.68 37.32
N GLY C 69 -20.31 7.47 37.87
CA GLY C 69 -21.29 6.54 37.36
C GLY C 69 -20.77 5.63 36.27
N ALA C 70 -19.52 5.84 35.86
CA ALA C 70 -18.90 5.01 34.82
C ALA C 70 -18.76 3.57 35.30
N VAL C 71 -18.93 2.62 34.37
CA VAL C 71 -18.82 1.21 34.69
C VAL C 71 -17.60 0.59 34.01
N ALA C 72 -16.57 0.32 34.80
CA ALA C 72 -15.39 -0.39 34.31
C ALA C 72 -15.10 -1.53 35.27
N LYS C 73 -14.75 -2.68 34.71
CA LYS C 73 -14.46 -3.87 35.51
C LYS C 73 -13.17 -4.50 35.02
N GLY C 74 -12.41 -5.09 35.95
CA GLY C 74 -11.13 -5.70 35.59
C GLY C 74 -11.14 -7.22 35.65
N PHE C 75 -10.35 -7.82 34.77
CA PHE C 75 -10.27 -9.27 34.63
C PHE C 75 -8.84 -9.66 34.28
N GLY C 76 -8.42 -10.83 34.73
CA GLY C 76 -7.09 -11.30 34.43
C GLY C 76 -7.12 -12.39 33.39
N ALA C 77 -6.26 -12.26 32.38
CA ALA C 77 -6.06 -13.32 31.40
C ALA C 77 -4.82 -13.07 30.57
N ASP C 78 -4.14 -14.15 30.24
CA ASP C 78 -3.06 -14.16 29.24
C ASP C 78 -3.74 -14.43 27.90
N VAL C 79 -3.65 -13.49 26.96
CA VAL C 79 -4.35 -13.65 25.70
C VAL C 79 -3.83 -14.83 24.86
N THR C 80 -2.67 -15.36 25.23
CA THR C 80 -2.09 -16.51 24.52
C THR C 80 -2.65 -17.85 25.02
N LYS C 81 -3.49 -17.80 26.04
CA LYS C 81 -4.04 -19.01 26.62
C LYS C 81 -5.53 -19.05 26.36
N ALA C 82 -5.94 -19.89 25.40
CA ALA C 82 -7.32 -19.90 24.92
C ALA C 82 -8.36 -20.00 26.03
N ALA C 83 -8.17 -20.94 26.95
CA ALA C 83 -9.11 -21.09 28.06
C ALA C 83 -9.16 -19.82 28.94
N ASP C 84 -7.99 -19.26 29.25
CA ASP C 84 -7.86 -18.03 30.05
C ASP C 84 -8.68 -16.90 29.43
N ILE C 85 -8.41 -16.59 28.17
CA ILE C 85 -9.05 -15.45 27.52
C ILE C 85 -10.54 -15.70 27.27
N THR C 86 -10.90 -16.96 26.97
CA THR C 86 -12.31 -17.31 26.81
C THR C 86 -13.05 -17.12 28.13
N ALA C 87 -12.43 -17.54 29.23
CA ALA C 87 -13.08 -17.39 30.55
C ALA C 87 -13.23 -15.92 30.94
N ALA C 88 -12.24 -15.09 30.61
CA ALA C 88 -12.29 -13.68 30.98
C ALA C 88 -13.40 -12.97 30.20
N ILE C 89 -13.52 -13.27 28.92
CA ILE C 89 -14.56 -12.65 28.10
C ILE C 89 -15.95 -13.08 28.57
N THR C 90 -16.09 -14.36 28.92
CA THR C 90 -17.35 -14.87 29.45
C THR C 90 -17.70 -14.21 30.79
N SER C 91 -16.71 -14.06 31.67
CA SER C 91 -16.94 -13.39 32.96
C SER C 91 -17.32 -11.94 32.74
N ALA C 92 -16.68 -11.31 31.76
CA ALA C 92 -16.96 -9.92 31.44
C ALA C 92 -18.40 -9.77 31.01
N GLU C 93 -18.83 -10.65 30.12
CA GLU C 93 -20.18 -10.58 29.58
C GLU C 93 -21.23 -10.82 30.65
N GLN C 94 -20.91 -11.72 31.58
CA GLN C 94 -21.78 -12.00 32.70
C GLN C 94 -21.90 -10.81 33.65
N THR C 95 -20.83 -10.02 33.77
CA THR C 95 -20.77 -8.88 34.70
C THR C 95 -21.30 -7.57 34.13
N ILE C 96 -20.99 -7.28 32.87
CA ILE C 96 -21.36 -5.99 32.28
C ILE C 96 -22.27 -6.08 31.05
N GLY C 97 -22.50 -7.29 30.56
CA GLY C 97 -23.38 -7.47 29.40
C GLY C 97 -22.65 -8.00 28.17
N SER C 98 -23.43 -8.42 27.16
CA SER C 98 -22.87 -9.01 25.95
C SER C 98 -22.01 -8.02 25.18
N LEU C 99 -20.86 -8.48 24.71
CA LEU C 99 -19.91 -7.62 24.01
C LEU C 99 -20.47 -7.02 22.72
N THR C 100 -20.22 -5.74 22.51
CA THR C 100 -20.42 -5.16 21.19
C THR C 100 -19.08 -4.77 20.54
N GLY C 101 -18.02 -4.67 21.33
CA GLY C 101 -16.72 -4.31 20.79
C GLY C 101 -15.58 -5.01 21.49
N LEU C 102 -14.50 -5.28 20.75
CA LEU C 102 -13.29 -5.87 21.29
C LEU C 102 -12.10 -5.08 20.78
N VAL C 103 -11.19 -4.71 21.68
CA VAL C 103 -9.96 -4.04 21.26
C VAL C 103 -8.81 -4.96 21.62
N ASN C 104 -8.13 -5.48 20.59
CA ASN C 104 -6.99 -6.36 20.80
C ASN C 104 -5.72 -5.53 20.96
N ASN C 105 -5.62 -4.91 22.13
CA ASN C 105 -4.55 -3.96 22.39
C ASN C 105 -3.32 -4.66 22.97
N ALA C 106 -3.51 -5.80 23.61
CA ALA C 106 -2.39 -6.52 24.20
C ALA C 106 -1.29 -6.77 23.17
N GLY C 107 -0.05 -6.46 23.55
CA GLY C 107 1.07 -6.67 22.66
C GLY C 107 2.33 -6.50 23.47
N ILE C 108 3.40 -7.13 23.02
CA ILE C 108 4.70 -6.87 23.58
C ILE C 108 5.68 -6.64 22.45
N ALA C 109 6.78 -5.96 22.77
CA ALA C 109 7.82 -5.68 21.80
C ALA C 109 9.15 -6.18 22.33
N GLY C 110 10.12 -6.26 21.44
CA GLY C 110 11.46 -6.67 21.80
C GLY C 110 12.39 -6.34 20.65
N PHE C 111 13.68 -6.48 20.89
CA PHE C 111 14.69 -6.21 19.87
C PHE C 111 15.39 -7.50 19.46
N GLY C 112 15.87 -7.52 18.22
CA GLY C 112 16.56 -8.68 17.69
C GLY C 112 16.35 -8.76 16.19
N SER C 113 17.43 -8.98 15.46
CA SER C 113 17.36 -9.09 14.00
C SER C 113 17.28 -10.56 13.64
N VAL C 114 16.97 -10.88 12.37
CA VAL C 114 16.87 -12.28 11.97
C VAL C 114 18.15 -13.08 12.28
N HIS C 115 19.31 -12.44 12.08
CA HIS C 115 20.57 -13.18 12.23
C HIS C 115 20.90 -13.51 13.68
N ASP C 116 20.37 -12.74 14.63
CA ASP C 116 20.74 -12.91 16.04
C ASP C 116 19.60 -13.09 17.04
N ALA C 117 18.36 -13.02 16.59
CA ALA C 117 17.21 -13.13 17.51
C ALA C 117 17.11 -14.52 18.12
N ASP C 118 16.77 -14.58 19.41
CA ASP C 118 16.54 -15.88 20.02
C ASP C 118 15.15 -16.41 19.64
N ALA C 119 15.05 -17.69 19.34
CA ALA C 119 13.81 -18.27 18.83
C ALA C 119 12.67 -18.26 19.85
N ALA C 120 13.00 -18.39 21.13
CA ALA C 120 11.97 -18.35 22.18
C ALA C 120 11.42 -16.93 22.35
N ALA C 121 12.29 -15.94 22.31
CA ALA C 121 11.87 -14.54 22.35
C ALA C 121 11.00 -14.21 21.15
N TRP C 122 11.42 -14.70 19.98
CA TRP C 122 10.65 -14.53 18.75
C TRP C 122 9.24 -15.08 18.94
N ASP C 123 9.14 -16.30 19.44
CA ASP C 123 7.86 -16.97 19.63
C ASP C 123 6.94 -16.23 20.59
N ARG C 124 7.48 -15.65 21.66
CA ARG C 124 6.60 -14.97 22.63
C ARG C 124 6.03 -13.68 22.04
N ILE C 125 6.83 -12.96 21.27
CA ILE C 125 6.38 -11.75 20.60
C ILE C 125 5.27 -12.08 19.59
N MET C 126 5.50 -13.10 18.76
CA MET C 126 4.45 -13.55 17.84
C MET C 126 3.22 -14.03 18.60
N ALA C 127 3.43 -14.71 19.72
CA ALA C 127 2.32 -15.27 20.49
C ALA C 127 1.38 -14.20 21.06
N VAL C 128 1.93 -13.23 21.78
CA VAL C 128 1.07 -12.22 22.41
C VAL C 128 0.34 -11.40 21.36
N ASN C 129 1.09 -10.94 20.37
CA ASN C 129 0.53 -10.12 19.32
C ASN C 129 -0.44 -10.89 18.42
N VAL C 130 0.08 -11.88 17.69
CA VAL C 130 -0.74 -12.55 16.69
C VAL C 130 -1.66 -13.60 17.30
N THR C 131 -1.11 -14.54 18.08
CA THR C 131 -1.96 -15.58 18.65
C THR C 131 -3.00 -14.97 19.58
N GLY C 132 -2.59 -13.97 20.36
CA GLY C 132 -3.51 -13.27 21.24
C GLY C 132 -4.67 -12.65 20.49
N THR C 133 -4.38 -11.98 19.38
CA THR C 133 -5.42 -11.37 18.55
C THR C 133 -6.38 -12.45 18.04
N PHE C 134 -5.84 -13.58 17.62
CA PHE C 134 -6.62 -14.70 17.13
C PHE C 134 -7.52 -15.25 18.23
N LEU C 135 -6.94 -15.55 19.39
CA LEU C 135 -7.68 -16.24 20.45
C LEU C 135 -8.71 -15.34 21.09
N ALA C 136 -8.38 -14.08 21.32
CA ALA C 136 -9.34 -13.15 21.92
C ALA C 136 -10.50 -12.91 20.95
N SER C 137 -10.20 -12.77 19.66
CA SER C 137 -11.23 -12.59 18.65
C SER C 137 -12.11 -13.81 18.54
N LYS C 138 -11.49 -14.99 18.57
CA LYS C 138 -12.23 -16.24 18.49
C LYS C 138 -13.26 -16.31 19.61
N ALA C 139 -12.85 -15.92 20.81
CA ALA C 139 -13.77 -15.93 21.95
C ALA C 139 -14.93 -14.93 21.78
N ALA C 140 -14.62 -13.73 21.31
CA ALA C 140 -15.64 -12.69 21.18
C ALA C 140 -16.58 -12.96 20.01
N LEU C 141 -16.06 -13.58 18.95
CA LEU C 141 -16.82 -13.76 17.71
C LEU C 141 -18.04 -14.68 17.84
N ALA C 142 -18.00 -15.62 18.78
CA ALA C 142 -19.15 -16.50 19.00
C ALA C 142 -20.40 -15.65 19.24
N GLY C 143 -20.34 -14.78 20.25
CA GLY C 143 -21.46 -13.89 20.55
C GLY C 143 -21.75 -12.84 19.50
N MET C 144 -20.72 -12.21 18.97
CA MET C 144 -20.92 -11.13 18.01
C MET C 144 -21.63 -11.62 16.75
N LEU C 145 -21.21 -12.78 16.26
CA LEU C 145 -21.82 -13.37 15.07
C LEU C 145 -23.24 -13.83 15.36
N GLU C 146 -23.47 -14.35 16.55
CA GLU C 146 -24.82 -14.74 16.96
C GLU C 146 -25.77 -13.55 16.93
N ARG C 147 -25.28 -12.39 17.35
CA ARG C 147 -26.09 -11.18 17.44
C ARG C 147 -26.00 -10.30 16.20
N HIS C 148 -25.24 -10.75 15.22
CA HIS C 148 -24.97 -10.02 13.99
C HIS C 148 -24.55 -8.58 14.24
N LYS C 149 -23.71 -8.38 15.24
CA LYS C 149 -23.28 -7.05 15.63
C LYS C 149 -21.98 -7.11 16.43
N GLY C 150 -20.97 -6.44 15.91
CA GLY C 150 -19.71 -6.35 16.62
C GLY C 150 -18.76 -5.43 15.91
N THR C 151 -17.76 -4.96 16.65
CA THR C 151 -16.69 -4.20 16.04
C THR C 151 -15.40 -4.63 16.74
N ILE C 152 -14.38 -4.97 15.97
CA ILE C 152 -13.12 -5.42 16.52
C ILE C 152 -12.03 -4.48 16.04
N VAL C 153 -11.24 -3.94 16.96
CA VAL C 153 -10.11 -3.08 16.60
C VAL C 153 -8.81 -3.78 16.97
N ASN C 154 -8.00 -4.10 15.96
CA ASN C 154 -6.71 -4.74 16.19
C ASN C 154 -5.62 -3.70 16.25
N PHE C 155 -4.49 -4.06 16.86
CA PHE C 155 -3.37 -3.13 16.99
C PHE C 155 -2.20 -3.50 16.10
N GLY C 156 -2.07 -2.74 15.02
CA GLY C 156 -0.90 -2.81 14.19
C GLY C 156 0.10 -1.83 14.77
N SER C 157 0.90 -1.22 13.90
CA SER C 157 1.87 -0.21 14.28
C SER C 157 2.41 0.31 12.98
N VAL C 158 3.11 1.44 13.01
CA VAL C 158 3.96 1.77 11.88
C VAL C 158 4.92 0.61 11.59
N ALA C 159 5.28 -0.15 12.64
CA ALA C 159 6.16 -1.30 12.51
C ALA C 159 5.52 -2.49 11.80
N GLY C 160 4.21 -2.39 11.55
CA GLY C 160 3.48 -3.39 10.80
C GLY C 160 3.35 -3.01 9.34
N LEU C 161 3.74 -1.78 9.00
CA LEU C 161 3.58 -1.26 7.64
C LEU C 161 4.92 -1.06 6.94
N VAL C 162 5.94 -0.72 7.73
CA VAL C 162 7.30 -0.60 7.21
C VAL C 162 8.30 -1.34 8.10
N GLY C 163 9.53 -1.46 7.64
CA GLY C 163 10.55 -2.16 8.41
C GLY C 163 11.23 -1.26 9.43
N ILE C 164 11.43 -1.76 10.63
CA ILE C 164 12.11 -1.04 11.69
C ILE C 164 13.40 -1.77 12.02
N PRO C 165 14.55 -1.09 11.95
CA PRO C 165 15.81 -1.77 12.25
C PRO C 165 15.78 -2.46 13.61
N THR C 166 16.38 -3.66 13.67
CA THR C 166 16.54 -4.43 14.90
C THR C 166 15.25 -4.93 15.57
N MET C 167 14.12 -4.91 14.85
CA MET C 167 12.86 -5.41 15.43
C MET C 167 12.18 -6.42 14.52
N ALA C 168 12.86 -7.52 14.22
CA ALA C 168 12.36 -8.49 13.26
C ALA C 168 11.05 -9.16 13.69
N ALA C 169 11.03 -9.73 14.90
CA ALA C 169 9.85 -10.43 15.39
C ALA C 169 8.64 -9.50 15.48
N TYR C 170 8.88 -8.29 15.97
CA TYR C 170 7.81 -7.33 16.19
C TYR C 170 7.24 -6.85 14.86
N CYS C 171 8.10 -6.59 13.87
CA CYS C 171 7.64 -6.21 12.52
C CYS C 171 6.90 -7.36 11.84
N ALA C 172 7.35 -8.58 12.05
CA ALA C 172 6.61 -9.75 11.57
C ALA C 172 5.23 -9.83 12.24
N ALA C 173 5.18 -9.67 13.57
CA ALA C 173 3.91 -9.81 14.31
C ALA C 173 2.91 -8.73 13.88
N LYS C 174 3.36 -7.48 13.84
CA LYS C 174 2.47 -6.39 13.47
C LYS C 174 2.06 -6.48 12.00
N GLY C 175 2.97 -6.95 11.15
CA GLY C 175 2.65 -7.21 9.74
C GLY C 175 1.55 -8.27 9.63
N ALA C 176 1.65 -9.31 10.45
CA ALA C 176 0.62 -10.34 10.51
C ALA C 176 -0.73 -9.75 10.92
N ILE C 177 -0.74 -8.91 11.94
CA ILE C 177 -1.99 -8.33 12.43
C ILE C 177 -2.64 -7.42 11.37
N VAL C 178 -1.83 -6.65 10.65
CA VAL C 178 -2.38 -5.79 9.59
C VAL C 178 -3.14 -6.61 8.56
N ASN C 179 -2.52 -7.67 8.02
CA ASN C 179 -3.22 -8.45 7.01
C ASN C 179 -4.28 -9.39 7.58
N LEU C 180 -4.08 -9.87 8.81
CA LEU C 180 -5.13 -10.67 9.45
C LEU C 180 -6.40 -9.83 9.59
N THR C 181 -6.23 -8.52 9.84
CA THR C 181 -7.36 -7.61 9.91
C THR C 181 -8.14 -7.58 8.59
N ARG C 182 -7.43 -7.51 7.47
CA ARG C 182 -8.09 -7.53 6.17
C ARG C 182 -8.84 -8.84 5.99
N GLN C 183 -8.20 -9.95 6.36
CA GLN C 183 -8.81 -11.27 6.25
C GLN C 183 -10.07 -11.40 7.10
N MET C 184 -10.01 -10.94 8.35
CA MET C 184 -11.18 -10.99 9.23
C MET C 184 -12.31 -10.14 8.67
N ALA C 185 -11.99 -8.94 8.17
CA ALA C 185 -13.01 -8.09 7.58
C ALA C 185 -13.66 -8.78 6.37
N ALA C 186 -12.86 -9.51 5.60
CA ALA C 186 -13.37 -10.25 4.44
C ALA C 186 -14.42 -11.27 4.87
N ASP C 187 -14.14 -11.97 5.97
CA ASP C 187 -15.03 -13.01 6.47
C ASP C 187 -16.30 -12.46 7.14
N TYR C 188 -16.16 -11.36 7.88
CA TYR C 188 -17.19 -11.00 8.88
C TYR C 188 -17.97 -9.72 8.65
N SER C 189 -17.47 -8.83 7.79
CA SER C 189 -18.13 -7.55 7.53
C SER C 189 -19.60 -7.71 7.11
N GLY C 190 -19.86 -8.70 6.26
CA GLY C 190 -21.22 -8.91 5.78
C GLY C 190 -22.09 -9.64 6.79
N ARG C 191 -21.49 -10.02 7.91
CA ARG C 191 -22.19 -10.76 8.95
C ARG C 191 -22.40 -9.87 10.18
N GLY C 192 -22.15 -8.57 9.99
CA GLY C 192 -22.40 -7.59 11.04
C GLY C 192 -21.24 -7.25 11.95
N VAL C 193 -20.05 -7.78 11.66
CA VAL C 193 -18.90 -7.49 12.51
C VAL C 193 -17.81 -6.78 11.73
N ARG C 194 -17.57 -5.51 12.05
CA ARG C 194 -16.50 -4.75 11.40
C ARG C 194 -15.17 -5.06 12.08
N VAL C 195 -14.11 -5.13 11.28
CA VAL C 195 -12.79 -5.38 11.84
C VAL C 195 -11.81 -4.40 11.20
N ASN C 196 -11.11 -3.66 12.06
CA ASN C 196 -10.15 -2.65 11.61
C ASN C 196 -8.89 -2.70 12.42
N ALA C 197 -7.82 -2.08 11.94
CA ALA C 197 -6.57 -2.03 12.71
C ALA C 197 -6.12 -0.60 12.85
N VAL C 198 -5.74 -0.20 14.05
CA VAL C 198 -5.11 1.10 14.20
C VAL C 198 -3.61 0.85 14.12
N CYS C 199 -2.89 1.74 13.44
CA CYS C 199 -1.44 1.58 13.29
C CYS C 199 -0.74 2.80 13.87
N PRO C 200 -0.49 2.78 15.18
CA PRO C 200 0.10 3.95 15.84
C PRO C 200 1.58 4.14 15.50
N GLY C 201 2.01 5.40 15.45
CA GLY C 201 3.42 5.73 15.50
C GLY C 201 3.89 5.64 16.95
N THR C 202 5.17 5.89 17.17
CA THR C 202 5.74 5.79 18.51
C THR C 202 4.99 6.62 19.58
N VAL C 203 4.71 5.96 20.69
CA VAL C 203 4.09 6.59 21.85
C VAL C 203 5.05 6.40 23.01
N THR C 204 5.72 7.49 23.38
CA THR C 204 6.88 7.44 24.26
C THR C 204 6.56 7.08 25.71
N SER C 205 5.41 7.51 26.20
CA SER C 205 5.17 7.53 27.65
C SER C 205 4.75 6.21 28.28
N THR C 206 4.38 5.21 27.47
CA THR C 206 3.93 3.93 28.02
C THR C 206 5.12 3.06 28.40
N GLY C 207 4.84 1.96 29.09
CA GLY C 207 5.87 1.00 29.42
C GLY C 207 6.64 0.51 28.21
N MET C 208 5.93 0.27 27.10
CA MET C 208 6.58 -0.15 25.87
C MET C 208 7.37 1.00 25.25
N GLY C 209 6.82 2.21 25.33
CA GLY C 209 7.52 3.38 24.82
C GLY C 209 8.83 3.60 25.56
N GLN C 210 8.79 3.40 26.87
CA GLN C 210 9.97 3.59 27.70
C GLN C 210 10.96 2.46 27.47
N GLN C 211 10.43 1.27 27.25
CA GLN C 211 11.24 0.07 27.00
C GLN C 211 12.07 0.22 25.74
N LEU C 212 11.51 0.91 24.74
CA LEU C 212 12.20 1.04 23.47
C LEU C 212 13.03 2.33 23.40
N LEU C 213 12.82 3.21 24.37
CA LEU C 213 13.71 4.35 24.54
C LEU C 213 15.01 3.89 25.20
N VAL C 221 20.60 10.05 18.03
CA VAL C 221 19.85 8.85 17.67
C VAL C 221 18.37 9.01 18.00
N GLN C 222 18.09 9.59 19.17
CA GLN C 222 16.70 9.81 19.57
C GLN C 222 16.11 10.99 18.80
N ALA C 223 16.98 11.91 18.37
CA ALA C 223 16.57 12.98 17.48
C ALA C 223 16.38 12.47 16.06
N ARG C 224 17.17 11.46 15.70
CA ARG C 224 16.99 10.76 14.43
C ARG C 224 15.59 10.15 14.36
N ARG C 225 15.16 9.56 15.46
CA ARG C 225 13.82 8.94 15.53
C ARG C 225 12.71 9.97 15.35
N LEU C 226 12.83 11.10 16.03
CA LEU C 226 11.82 12.15 15.98
C LEU C 226 11.73 12.77 14.58
N ALA C 227 12.85 12.80 13.86
CA ALA C 227 12.88 13.36 12.52
C ALA C 227 12.05 12.55 11.54
N LYS C 228 11.71 11.33 11.92
CA LYS C 228 10.89 10.46 11.09
C LYS C 228 9.42 10.84 11.16
N TYR C 229 9.09 11.75 12.07
CA TYR C 229 7.71 12.19 12.30
C TYR C 229 7.49 13.62 11.82
N PRO C 230 6.88 13.79 10.63
CA PRO C 230 6.60 15.12 10.08
C PRO C 230 5.90 16.06 11.06
N ILE C 231 5.00 15.54 11.90
CA ILE C 231 4.27 16.40 12.83
C ILE C 231 5.17 16.99 13.92
N GLY C 232 6.35 16.42 14.10
CA GLY C 232 7.35 17.01 14.99
C GLY C 232 7.24 16.64 16.45
N ARG C 233 6.48 15.60 16.76
CA ARG C 233 6.36 15.08 18.11
C ARG C 233 5.95 13.63 18.02
N PHE C 234 6.12 12.88 19.10
CA PHE C 234 5.63 11.52 19.17
C PHE C 234 4.17 11.54 19.61
N GLY C 235 3.50 10.39 19.56
CA GLY C 235 2.09 10.32 19.92
C GLY C 235 1.89 10.17 21.42
N THR C 236 0.66 10.35 21.86
CA THR C 236 0.29 10.11 23.25
C THR C 236 -0.74 8.99 23.26
N PRO C 237 -0.92 8.34 24.42
CA PRO C 237 -1.97 7.31 24.50
C PRO C 237 -3.33 7.90 24.15
N GLU C 238 -3.57 9.15 24.53
CA GLU C 238 -4.83 9.81 24.22
C GLU C 238 -5.07 9.99 22.72
N ASP C 239 -4.02 10.36 21.97
CA ASP C 239 -4.12 10.47 20.51
C ASP C 239 -4.62 9.17 19.89
N ILE C 240 -4.05 8.05 20.34
CA ILE C 240 -4.38 6.76 19.76
C ILE C 240 -5.78 6.34 20.18
N ALA C 241 -6.11 6.56 21.46
CA ALA C 241 -7.43 6.23 22.00
C ALA C 241 -8.54 6.87 21.17
N GLU C 242 -8.35 8.12 20.75
CA GLU C 242 -9.41 8.80 19.99
C GLU C 242 -9.70 8.10 18.66
N ALA C 243 -8.68 7.58 17.99
CA ALA C 243 -8.90 6.85 16.75
C ALA C 243 -9.65 5.55 17.00
N VAL C 244 -9.30 4.86 18.09
CA VAL C 244 -9.95 3.62 18.46
C VAL C 244 -11.43 3.87 18.78
N ILE C 245 -11.71 4.94 19.52
CA ILE C 245 -13.08 5.32 19.83
C ILE C 245 -13.89 5.53 18.55
N PHE C 246 -13.32 6.21 17.56
CA PHE C 246 -14.04 6.39 16.31
C PHE C 246 -14.39 5.04 15.66
N LEU C 247 -13.39 4.17 15.55
CA LEU C 247 -13.56 2.87 14.89
C LEU C 247 -14.57 1.99 15.60
N LEU C 248 -14.66 2.13 16.92
CA LEU C 248 -15.61 1.37 17.73
C LEU C 248 -17.05 1.87 17.60
N SER C 249 -17.21 3.14 17.23
CA SER C 249 -18.53 3.79 17.22
C SER C 249 -19.34 3.45 15.98
N ASP C 250 -20.66 3.59 16.10
CA ASP C 250 -21.54 3.33 14.96
C ASP C 250 -21.44 4.42 13.89
N GLN C 251 -20.74 5.51 14.20
CA GLN C 251 -20.44 6.51 13.17
C GLN C 251 -19.43 5.98 12.16
N ALA C 252 -18.74 4.89 12.51
CA ALA C 252 -17.79 4.25 11.60
C ALA C 252 -18.44 3.06 10.92
N ALA C 253 -19.75 3.14 10.68
CA ALA C 253 -20.50 1.99 10.18
C ALA C 253 -20.02 1.43 8.84
N PHE C 254 -19.41 2.26 8.00
CA PHE C 254 -18.95 1.82 6.68
C PHE C 254 -17.45 1.52 6.69
N VAL C 255 -16.81 1.67 7.85
CA VAL C 255 -15.37 1.46 7.97
C VAL C 255 -15.05 0.03 8.43
N THR C 256 -14.43 -0.73 7.55
CA THR C 256 -14.04 -2.10 7.87
C THR C 256 -12.91 -2.55 6.95
N GLY C 257 -12.01 -3.36 7.50
CA GLY C 257 -10.85 -3.81 6.74
C GLY C 257 -9.72 -2.81 6.64
N ALA C 258 -9.88 -1.65 7.27
CA ALA C 258 -8.91 -0.57 7.12
C ALA C 258 -7.75 -0.70 8.08
N ALA C 259 -6.57 -0.31 7.60
CA ALA C 259 -5.40 -0.10 8.43
C ALA C 259 -5.23 1.42 8.55
N PHE C 260 -5.65 1.97 9.68
CA PHE C 260 -5.70 3.40 9.89
C PHE C 260 -4.41 3.89 10.56
N ALA C 261 -3.59 4.62 9.81
CA ALA C 261 -2.32 5.15 10.33
C ALA C 261 -2.57 6.36 11.24
N VAL C 262 -2.21 6.21 12.51
CA VAL C 262 -2.30 7.31 13.46
C VAL C 262 -0.88 7.55 13.95
N ASP C 263 -0.12 8.30 13.15
CA ASP C 263 1.34 8.16 13.22
C ASP C 263 2.11 9.44 12.96
N GLY C 264 1.45 10.58 13.07
CA GLY C 264 2.13 11.86 12.91
C GLY C 264 2.74 12.05 11.53
N GLY C 265 2.32 11.24 10.56
CA GLY C 265 2.81 11.33 9.20
C GLY C 265 3.98 10.43 8.87
N MET C 266 4.38 9.59 9.82
CA MET C 266 5.58 8.76 9.67
C MET C 266 5.56 7.93 8.38
N THR C 267 4.45 7.24 8.11
CA THR C 267 4.39 6.36 6.94
C THR C 267 4.04 7.12 5.67
N ALA C 268 3.82 8.43 5.78
CA ALA C 268 3.50 9.22 4.60
C ALA C 268 4.75 9.67 3.85
N ILE C 269 5.90 9.63 4.52
CA ILE C 269 7.17 10.01 3.90
C ILE C 269 8.14 8.83 3.73
N ASN D 17 25.46 -15.12 -15.79
CA ASN D 17 24.70 -14.81 -16.99
C ASN D 17 23.58 -15.79 -17.11
N ARG D 18 22.52 -15.52 -16.37
CA ARG D 18 22.42 -14.34 -15.50
C ARG D 18 22.81 -14.63 -14.04
N LEU D 19 23.01 -15.90 -13.71
CA LEU D 19 23.35 -16.29 -12.35
C LEU D 19 24.66 -17.08 -12.33
N LYS D 20 25.55 -16.76 -13.27
CA LYS D 20 26.89 -17.34 -13.30
C LYS D 20 27.57 -17.10 -11.96
N ASN D 21 28.18 -18.15 -11.42
CA ASN D 21 28.89 -18.05 -10.14
C ASN D 21 27.98 -17.80 -8.94
N GLU D 22 26.66 -17.90 -9.12
CA GLU D 22 25.78 -17.82 -7.95
C GLU D 22 25.57 -19.23 -7.39
N VAL D 23 25.31 -19.29 -6.08
CA VAL D 23 25.06 -20.54 -5.39
C VAL D 23 23.80 -20.31 -4.56
N ILE D 24 22.72 -20.99 -4.93
CA ILE D 24 21.39 -20.67 -4.40
C ILE D 24 20.80 -21.84 -3.65
N ALA D 25 20.36 -21.61 -2.41
CA ALA D 25 19.62 -22.60 -1.64
C ALA D 25 18.14 -22.30 -1.73
N ILE D 26 17.33 -23.31 -1.99
CA ILE D 26 15.89 -23.14 -2.16
C ILE D 26 15.15 -24.05 -1.20
N THR D 27 14.50 -23.47 -0.19
CA THR D 27 13.71 -24.30 0.73
C THR D 27 12.40 -24.72 0.06
N GLY D 28 11.93 -25.92 0.35
CA GLY D 28 10.76 -26.44 -0.36
C GLY D 28 11.04 -26.62 -1.84
N GLY D 29 12.31 -26.85 -2.17
CA GLY D 29 12.75 -26.91 -3.56
C GLY D 29 12.49 -28.23 -4.28
N GLY D 30 11.91 -29.20 -3.60
CA GLY D 30 11.69 -30.50 -4.21
C GLY D 30 10.52 -30.58 -5.20
N ALA D 31 9.59 -29.63 -5.11
CA ALA D 31 8.38 -29.67 -5.93
C ALA D 31 7.81 -28.26 -6.14
N GLY D 32 6.80 -28.16 -7.00
CA GLY D 32 6.07 -26.93 -7.18
C GLY D 32 6.89 -25.73 -7.62
N ILE D 33 6.59 -24.57 -7.05
CA ILE D 33 7.28 -23.36 -7.45
C ILE D 33 8.79 -23.45 -7.15
N GLY D 34 9.15 -24.03 -6.00
CA GLY D 34 10.54 -24.16 -5.62
C GLY D 34 11.33 -24.90 -6.69
N LEU D 35 10.75 -25.99 -7.21
CA LEU D 35 11.42 -26.76 -8.25
C LEU D 35 11.57 -25.96 -9.55
N ALA D 36 10.57 -25.16 -9.89
CA ALA D 36 10.67 -24.31 -11.09
C ALA D 36 11.75 -23.25 -10.94
N ILE D 37 11.88 -22.69 -9.74
CA ILE D 37 12.96 -21.75 -9.45
C ILE D 37 14.32 -22.44 -9.67
N ALA D 38 14.45 -23.66 -9.17
CA ALA D 38 15.68 -24.43 -9.34
C ALA D 38 16.01 -24.62 -10.81
N SER D 39 15.02 -25.03 -11.60
CA SER D 39 15.25 -25.26 -13.03
C SER D 39 15.70 -23.99 -13.74
N ALA D 40 15.04 -22.86 -13.44
CA ALA D 40 15.39 -21.60 -14.08
C ALA D 40 16.75 -21.07 -13.63
N ALA D 41 17.09 -21.28 -12.36
CA ALA D 41 18.38 -20.87 -11.82
C ALA D 41 19.52 -21.65 -12.49
N LEU D 42 19.33 -22.96 -12.69
CA LEU D 42 20.31 -23.77 -13.41
C LEU D 42 20.45 -23.33 -14.85
N ARG D 43 19.32 -22.96 -15.47
CA ARG D 43 19.35 -22.43 -16.83
C ARG D 43 20.26 -21.21 -16.91
N GLU D 44 20.27 -20.38 -15.86
CA GLU D 44 21.06 -19.17 -15.82
C GLU D 44 22.47 -19.38 -15.24
N GLY D 45 22.86 -20.63 -15.04
CA GLY D 45 24.23 -20.93 -14.65
C GLY D 45 24.55 -21.08 -13.17
N ALA D 46 23.54 -20.98 -12.31
CA ALA D 46 23.76 -21.14 -10.88
C ALA D 46 24.01 -22.61 -10.51
N LYS D 47 24.58 -22.81 -9.33
CA LYS D 47 24.54 -24.13 -8.68
C LYS D 47 23.42 -24.05 -7.64
N VAL D 48 22.66 -25.12 -7.46
CA VAL D 48 21.51 -25.04 -6.56
C VAL D 48 21.43 -26.18 -5.54
N ALA D 49 20.92 -25.84 -4.36
CA ALA D 49 20.64 -26.83 -3.33
C ALA D 49 19.15 -26.84 -3.08
N LEU D 50 18.52 -27.99 -3.27
CA LEU D 50 17.12 -28.11 -2.92
C LEU D 50 17.06 -28.60 -1.48
N ILE D 51 16.35 -27.87 -0.65
CA ILE D 51 16.19 -28.28 0.74
C ILE D 51 14.71 -28.46 1.01
N ASP D 52 14.30 -29.70 1.29
CA ASP D 52 12.87 -29.98 1.41
C ASP D 52 12.60 -30.83 2.64
N LEU D 53 11.41 -30.65 3.21
CA LEU D 53 10.94 -31.52 4.30
C LEU D 53 11.05 -32.98 3.90
N ASP D 54 10.71 -33.24 2.64
CA ASP D 54 10.79 -34.58 2.05
C ASP D 54 12.19 -34.77 1.46
N GLN D 55 13.06 -35.43 2.20
CA GLN D 55 14.45 -35.60 1.78
C GLN D 55 14.57 -36.40 0.49
N GLY D 56 13.83 -37.50 0.39
CA GLY D 56 13.84 -38.33 -0.81
C GLY D 56 13.49 -37.53 -2.06
N LEU D 57 12.45 -36.71 -1.93
CA LEU D 57 12.01 -35.85 -3.02
C LEU D 57 13.09 -34.86 -3.43
N ALA D 58 13.72 -34.20 -2.46
CA ALA D 58 14.83 -33.28 -2.75
C ALA D 58 15.92 -34.00 -3.56
N GLU D 59 16.28 -35.19 -3.12
CA GLU D 59 17.31 -36.00 -3.79
C GLU D 59 16.89 -36.38 -5.21
N ARG D 60 15.66 -36.84 -5.38
CA ARG D 60 15.21 -37.24 -6.71
C ARG D 60 15.13 -36.04 -7.66
N SER D 61 14.57 -34.95 -7.18
CA SER D 61 14.47 -33.74 -7.99
C SER D 61 15.84 -33.21 -8.35
N ALA D 62 16.77 -33.23 -7.39
CA ALA D 62 18.14 -32.79 -7.67
C ALA D 62 18.79 -33.64 -8.75
N ALA D 63 18.57 -34.95 -8.66
CA ALA D 63 19.15 -35.88 -9.64
C ALA D 63 18.58 -35.62 -11.02
N MET D 64 17.27 -35.44 -11.10
CA MET D 64 16.59 -35.14 -12.35
C MET D 64 17.14 -33.88 -13.01
N LEU D 65 17.50 -32.90 -12.19
CA LEU D 65 17.93 -31.59 -12.68
C LEU D 65 19.40 -31.60 -13.12
N SER D 66 20.16 -32.55 -12.62
CA SER D 66 21.60 -32.54 -12.81
C SER D 66 22.02 -33.16 -14.13
N THR D 67 21.55 -32.58 -15.23
CA THR D 67 21.93 -33.04 -16.56
C THR D 67 22.66 -31.92 -17.30
N GLY D 68 23.37 -32.28 -18.36
CA GLY D 68 24.11 -31.31 -19.16
C GLY D 68 25.12 -30.50 -18.37
N GLY D 69 25.60 -31.06 -17.26
CA GLY D 69 26.59 -30.38 -16.45
C GLY D 69 25.99 -29.43 -15.44
N ALA D 70 24.67 -29.40 -15.35
CA ALA D 70 23.99 -28.60 -14.32
C ALA D 70 24.23 -29.24 -12.95
N VAL D 71 24.51 -28.42 -11.95
CA VAL D 71 24.84 -28.92 -10.62
C VAL D 71 23.71 -28.61 -9.63
N ALA D 72 22.96 -29.64 -9.25
CA ALA D 72 21.91 -29.51 -8.24
C ALA D 72 22.09 -30.62 -7.22
N LYS D 73 21.86 -30.29 -5.95
CA LYS D 73 22.05 -31.23 -4.85
C LYS D 73 20.83 -31.15 -3.95
N GLY D 74 20.45 -32.27 -3.34
CA GLY D 74 19.24 -32.31 -2.53
C GLY D 74 19.54 -32.63 -1.07
N PHE D 75 18.82 -31.97 -0.17
CA PHE D 75 19.02 -32.13 1.25
C PHE D 75 17.68 -32.12 1.96
N GLY D 76 17.58 -32.86 3.06
CA GLY D 76 16.34 -32.89 3.81
C GLY D 76 16.43 -32.00 5.03
N ALA D 77 15.39 -31.21 5.26
CA ALA D 77 15.28 -30.41 6.48
C ALA D 77 13.88 -29.84 6.64
N ASP D 78 13.42 -29.79 7.89
CA ASP D 78 12.21 -29.06 8.23
C ASP D 78 12.67 -27.65 8.60
N VAL D 79 12.18 -26.65 7.87
CA VAL D 79 12.64 -25.27 8.12
C VAL D 79 12.28 -24.73 9.51
N THR D 80 11.36 -25.40 10.19
CA THR D 80 10.95 -25.00 11.54
C THR D 80 11.87 -25.56 12.60
N LYS D 81 12.80 -26.43 12.19
CA LYS D 81 13.74 -27.03 13.13
C LYS D 81 15.13 -26.43 12.94
N ALA D 82 15.51 -25.54 13.85
CA ALA D 82 16.73 -24.74 13.68
C ALA D 82 17.98 -25.56 13.40
N ALA D 83 18.17 -26.64 14.15
CA ALA D 83 19.35 -27.47 13.97
C ALA D 83 19.38 -28.13 12.59
N ASP D 84 18.22 -28.61 12.14
CA ASP D 84 18.14 -29.29 10.86
C ASP D 84 18.35 -28.37 9.67
N ILE D 85 17.75 -27.17 9.69
CA ILE D 85 17.91 -26.25 8.57
C ILE D 85 19.34 -25.69 8.56
N THR D 86 19.92 -25.49 9.73
CA THR D 86 21.30 -25.05 9.81
C THR D 86 22.23 -26.12 9.22
N ALA D 87 21.98 -27.38 9.56
CA ALA D 87 22.81 -28.48 9.06
C ALA D 87 22.69 -28.66 7.54
N ALA D 88 21.49 -28.51 7.01
CA ALA D 88 21.27 -28.62 5.57
C ALA D 88 22.02 -27.53 4.81
N ILE D 89 21.97 -26.30 5.32
CA ILE D 89 22.67 -25.20 4.66
C ILE D 89 24.20 -25.40 4.74
N THR D 90 24.67 -25.91 5.87
CA THR D 90 26.08 -26.24 6.01
C THR D 90 26.51 -27.33 5.04
N SER D 91 25.70 -28.37 4.91
CA SER D 91 25.97 -29.44 3.95
C SER D 91 25.96 -28.91 2.52
N ALA D 92 24.98 -28.06 2.20
CA ALA D 92 24.88 -27.47 0.87
C ALA D 92 26.17 -26.73 0.53
N GLU D 93 26.63 -25.90 1.45
CA GLU D 93 27.82 -25.08 1.23
C GLU D 93 29.07 -25.93 1.06
N GLN D 94 29.18 -27.00 1.84
CA GLN D 94 30.28 -27.95 1.67
C GLN D 94 30.28 -28.58 0.28
N THR D 95 29.09 -28.82 -0.26
CA THR D 95 28.94 -29.53 -1.52
C THR D 95 29.01 -28.62 -2.78
N ILE D 96 28.39 -27.44 -2.73
CA ILE D 96 28.36 -26.57 -3.91
C ILE D 96 29.01 -25.20 -3.70
N GLY D 97 29.46 -24.90 -2.49
CA GLY D 97 30.13 -23.63 -2.25
C GLY D 97 29.33 -22.66 -1.40
N SER D 98 29.95 -21.57 -1.00
CA SER D 98 29.30 -20.60 -0.11
C SER D 98 28.06 -20.01 -0.78
N LEU D 99 26.97 -19.89 -0.02
CA LEU D 99 25.73 -19.35 -0.58
C LEU D 99 25.85 -17.89 -1.01
N THR D 100 25.28 -17.57 -2.17
CA THR D 100 25.11 -16.19 -2.55
C THR D 100 23.62 -15.82 -2.54
N GLY D 101 22.76 -16.84 -2.56
CA GLY D 101 21.31 -16.60 -2.52
C GLY D 101 20.53 -17.63 -1.73
N LEU D 102 19.43 -17.18 -1.11
CA LEU D 102 18.51 -18.05 -0.38
C LEU D 102 17.10 -17.74 -0.83
N VAL D 103 16.35 -18.75 -1.21
CA VAL D 103 14.93 -18.58 -1.51
C VAL D 103 14.10 -19.29 -0.45
N ASN D 104 13.36 -18.52 0.34
CA ASN D 104 12.52 -19.08 1.39
C ASN D 104 11.14 -19.44 0.83
N ASN D 105 11.11 -20.50 0.03
CA ASN D 105 9.91 -20.89 -0.70
C ASN D 105 9.03 -21.85 0.10
N ALA D 106 9.61 -22.57 1.05
CA ALA D 106 8.84 -23.49 1.90
C ALA D 106 7.66 -22.76 2.54
N GLY D 107 6.48 -23.37 2.41
CA GLY D 107 5.27 -22.82 3.00
C GLY D 107 4.18 -23.86 2.94
N ILE D 108 3.21 -23.72 3.82
CA ILE D 108 2.02 -24.53 3.75
C ILE D 108 0.80 -23.63 3.89
N ALA D 109 -0.35 -24.12 3.43
CA ALA D 109 -1.59 -23.36 3.53
C ALA D 109 -2.63 -24.23 4.19
N GLY D 110 -3.74 -23.61 4.57
CA GLY D 110 -4.82 -24.32 5.21
C GLY D 110 -5.98 -23.35 5.31
N PHE D 111 -7.13 -23.88 5.73
CA PHE D 111 -8.34 -23.07 5.81
C PHE D 111 -8.82 -23.00 7.23
N GLY D 112 -9.63 -21.98 7.51
CA GLY D 112 -10.16 -21.77 8.84
C GLY D 112 -10.23 -20.29 9.12
N SER D 113 -11.41 -19.82 9.51
CA SER D 113 -11.58 -18.41 9.86
C SER D 113 -11.26 -18.24 11.33
N VAL D 114 -11.14 -16.98 11.78
CA VAL D 114 -10.77 -16.71 13.16
C VAL D 114 -11.71 -17.37 14.18
N HIS D 115 -13.00 -17.42 13.88
CA HIS D 115 -13.96 -17.92 14.86
C HIS D 115 -13.92 -19.43 15.04
N ASP D 116 -13.34 -20.15 14.09
CA ASP D 116 -13.39 -21.62 14.16
C ASP D 116 -12.08 -22.33 13.84
N ALA D 117 -11.02 -21.58 13.56
CA ALA D 117 -9.74 -22.19 13.17
C ALA D 117 -9.17 -22.99 14.34
N ASP D 118 -8.54 -24.11 14.00
CA ASP D 118 -7.87 -24.90 15.04
C ASP D 118 -6.53 -24.28 15.37
N ALA D 119 -6.28 -24.09 16.66
CA ALA D 119 -5.07 -23.42 17.12
C ALA D 119 -3.79 -24.16 16.75
N ALA D 120 -3.83 -25.49 16.71
CA ALA D 120 -2.63 -26.25 16.39
C ALA D 120 -2.27 -26.08 14.91
N ALA D 121 -3.28 -26.15 14.06
CA ALA D 121 -3.08 -25.93 12.63
C ALA D 121 -2.65 -24.48 12.38
N TRP D 122 -3.24 -23.54 13.10
CA TRP D 122 -2.83 -22.13 13.03
C TRP D 122 -1.32 -22.02 13.31
N ASP D 123 -0.88 -22.61 14.43
CA ASP D 123 0.52 -22.56 14.80
C ASP D 123 1.44 -23.21 13.76
N ARG D 124 0.98 -24.28 13.12
CA ARG D 124 1.84 -24.96 12.14
C ARG D 124 2.01 -24.11 10.87
N ILE D 125 0.93 -23.47 10.44
CA ILE D 125 0.97 -22.58 9.28
C ILE D 125 1.91 -21.41 9.58
N MET D 126 1.76 -20.81 10.76
CA MET D 126 2.65 -19.72 11.15
C MET D 126 4.10 -20.20 11.24
N ALA D 127 4.30 -21.41 11.78
CA ALA D 127 5.64 -21.94 11.97
C ALA D 127 6.37 -22.17 10.63
N VAL D 128 5.74 -22.87 9.70
CA VAL D 128 6.42 -23.18 8.45
C VAL D 128 6.72 -21.90 7.68
N ASN D 129 5.72 -21.04 7.55
CA ASN D 129 5.86 -19.82 6.78
C ASN D 129 6.77 -18.80 7.45
N VAL D 130 6.40 -18.39 8.66
CA VAL D 130 7.11 -17.29 9.31
C VAL D 130 8.37 -17.79 10.03
N THR D 131 8.23 -18.76 10.93
CA THR D 131 9.39 -19.23 11.65
C THR D 131 10.43 -19.86 10.71
N GLY D 132 9.96 -20.57 9.68
CA GLY D 132 10.85 -21.13 8.67
C GLY D 132 11.66 -20.05 7.96
N THR D 133 11.01 -18.98 7.56
CA THR D 133 11.70 -17.85 6.92
C THR D 133 12.75 -17.26 7.87
N PHE D 134 12.38 -17.14 9.13
CA PHE D 134 13.29 -16.66 10.17
C PHE D 134 14.51 -17.56 10.32
N LEU D 135 14.27 -18.85 10.56
CA LEU D 135 15.38 -19.78 10.88
C LEU D 135 16.30 -20.06 9.69
N ALA D 136 15.71 -20.23 8.51
CA ALA D 136 16.52 -20.42 7.30
C ALA D 136 17.38 -19.18 7.04
N SER D 137 16.78 -18.00 7.19
CA SER D 137 17.52 -16.76 6.94
C SER D 137 18.62 -16.62 7.98
N LYS D 138 18.30 -16.93 9.23
CA LYS D 138 19.29 -16.81 10.31
C LYS D 138 20.52 -17.65 10.01
N ALA D 139 20.29 -18.89 9.56
CA ALA D 139 21.38 -19.78 9.17
C ALA D 139 22.21 -19.22 8.01
N ALA D 140 21.54 -18.73 6.97
CA ALA D 140 22.23 -18.22 5.78
C ALA D 140 22.97 -16.92 6.02
N LEU D 141 22.42 -16.09 6.92
CA LEU D 141 22.96 -14.75 7.13
C LEU D 141 24.35 -14.73 7.78
N ALA D 142 24.69 -15.74 8.57
CA ALA D 142 26.02 -15.80 9.18
C ALA D 142 27.08 -15.67 8.08
N GLY D 143 27.01 -16.56 7.09
CA GLY D 143 27.93 -16.52 5.98
C GLY D 143 27.79 -15.30 5.09
N MET D 144 26.55 -14.96 4.72
CA MET D 144 26.32 -13.84 3.81
C MET D 144 26.82 -12.51 4.38
N LEU D 145 26.57 -12.28 5.66
CA LEU D 145 27.03 -11.06 6.30
C LEU D 145 28.54 -11.04 6.45
N GLU D 146 29.13 -12.19 6.73
CA GLU D 146 30.58 -12.27 6.81
C GLU D 146 31.22 -11.88 5.47
N ARG D 147 30.59 -12.30 4.38
CA ARG D 147 31.11 -12.02 3.04
C ARG D 147 30.59 -10.70 2.46
N HIS D 148 29.70 -10.04 3.19
CA HIS D 148 29.06 -8.81 2.73
C HIS D 148 28.43 -8.98 1.35
N LYS D 149 27.76 -10.11 1.15
CA LYS D 149 27.19 -10.46 -0.15
C LYS D 149 26.11 -11.52 -0.03
N GLY D 150 24.89 -11.16 -0.42
CA GLY D 150 23.81 -12.12 -0.42
C GLY D 150 22.54 -11.52 -1.00
N THR D 151 21.62 -12.41 -1.35
CA THR D 151 20.29 -12.01 -1.77
C THR D 151 19.31 -13.06 -1.25
N ILE D 152 18.28 -12.59 -0.54
CA ILE D 152 17.27 -13.47 0.03
C ILE D 152 15.93 -13.13 -0.59
N VAL D 153 15.24 -14.14 -1.11
CA VAL D 153 13.90 -13.93 -1.63
C VAL D 153 12.89 -14.70 -0.77
N ASN D 154 12.01 -13.95 -0.12
CA ASN D 154 10.96 -14.54 0.69
C ASN D 154 9.68 -14.70 -0.12
N PHE D 155 8.80 -15.60 0.33
CA PHE D 155 7.55 -15.83 -0.36
C PHE D 155 6.36 -15.28 0.40
N GLY D 156 5.87 -14.15 -0.08
CA GLY D 156 4.57 -13.65 0.32
C GLY D 156 3.54 -14.34 -0.55
N SER D 157 2.47 -13.62 -0.83
CA SER D 157 1.37 -14.10 -1.66
C SER D 157 0.47 -12.90 -1.83
N VAL D 158 -0.45 -12.96 -2.79
CA VAL D 158 -1.55 -12.01 -2.77
C VAL D 158 -2.25 -12.11 -1.41
N ALA D 159 -2.19 -13.29 -0.79
CA ALA D 159 -2.80 -13.53 0.51
C ALA D 159 -2.07 -12.83 1.65
N GLY D 160 -0.91 -12.25 1.36
CA GLY D 160 -0.19 -11.46 2.34
C GLY D 160 -0.45 -9.98 2.19
N LEU D 161 -1.13 -9.60 1.11
CA LEU D 161 -1.39 -8.19 0.79
C LEU D 161 -2.86 -7.81 0.95
N VAL D 162 -3.74 -8.78 0.75
CA VAL D 162 -5.17 -8.58 0.94
C VAL D 162 -5.76 -9.75 1.73
N GLY D 163 -7.01 -9.60 2.15
CA GLY D 163 -7.67 -10.65 2.91
C GLY D 163 -8.33 -11.69 2.00
N ILE D 164 -8.14 -12.96 2.33
CA ILE D 164 -8.74 -14.06 1.59
C ILE D 164 -9.75 -14.75 2.50
N PRO D 165 -11.01 -14.84 2.06
CA PRO D 165 -12.02 -15.49 2.90
C PRO D 165 -11.59 -16.88 3.35
N THR D 166 -11.83 -17.21 4.61
CA THR D 166 -11.58 -18.55 5.17
C THR D 166 -10.11 -18.96 5.30
N MET D 167 -9.17 -18.03 5.17
CA MET D 167 -7.73 -18.35 5.35
C MET D 167 -7.04 -17.44 6.35
N ALA D 168 -7.52 -17.44 7.59
CA ALA D 168 -6.99 -16.56 8.64
C ALA D 168 -5.50 -16.76 8.93
N ALA D 169 -5.09 -18.00 9.23
CA ALA D 169 -3.70 -18.26 9.60
C ALA D 169 -2.75 -17.95 8.44
N TYR D 170 -3.16 -18.34 7.23
CA TYR D 170 -2.32 -18.13 6.05
C TYR D 170 -2.14 -16.65 5.72
N CYS D 171 -3.21 -15.87 5.82
CA CYS D 171 -3.13 -14.43 5.57
C CYS D 171 -2.28 -13.75 6.63
N ALA D 172 -2.38 -14.21 7.87
CA ALA D 172 -1.52 -13.72 8.93
C ALA D 172 -0.05 -14.03 8.63
N ALA D 173 0.22 -15.28 8.27
CA ALA D 173 1.59 -15.73 8.00
C ALA D 173 2.19 -14.98 6.83
N LYS D 174 1.45 -14.92 5.72
CA LYS D 174 1.98 -14.23 4.55
C LYS D 174 2.12 -12.72 4.79
N GLY D 175 1.21 -12.15 5.59
CA GLY D 175 1.31 -10.74 5.99
C GLY D 175 2.56 -10.50 6.81
N ALA D 176 2.87 -11.45 7.70
CA ALA D 176 4.11 -11.37 8.46
C ALA D 176 5.33 -11.39 7.55
N ILE D 177 5.33 -12.28 6.57
CA ILE D 177 6.47 -12.40 5.66
C ILE D 177 6.69 -11.12 4.86
N VAL D 178 5.60 -10.51 4.39
CA VAL D 178 5.71 -9.28 3.62
C VAL D 178 6.41 -8.20 4.43
N ASN D 179 5.96 -7.97 5.67
CA ASN D 179 6.61 -6.92 6.45
C ASN D 179 7.95 -7.31 7.06
N LEU D 180 8.15 -8.60 7.35
CA LEU D 180 9.45 -9.06 7.82
C LEU D 180 10.49 -8.81 6.74
N THR D 181 10.09 -8.97 5.49
CA THR D 181 10.96 -8.67 4.35
C THR D 181 11.44 -7.22 4.39
N ARG D 182 10.53 -6.28 4.65
CA ARG D 182 10.91 -4.88 4.76
C ARG D 182 11.88 -4.70 5.92
N GLN D 183 11.58 -5.34 7.04
CA GLN D 183 12.42 -5.22 8.23
C GLN D 183 13.83 -5.74 7.96
N MET D 184 13.92 -6.91 7.33
CA MET D 184 15.21 -7.51 6.99
C MET D 184 16.00 -6.63 6.03
N ALA D 185 15.31 -6.05 5.04
CA ALA D 185 15.95 -5.12 4.12
C ALA D 185 16.51 -3.91 4.87
N ALA D 186 15.77 -3.44 5.86
CA ALA D 186 16.21 -2.31 6.68
C ALA D 186 17.53 -2.62 7.38
N ASP D 187 17.64 -3.84 7.90
CA ASP D 187 18.82 -4.27 8.65
C ASP D 187 20.04 -4.52 7.75
N TYR D 188 19.80 -5.18 6.62
CA TYR D 188 20.89 -5.83 5.89
C TYR D 188 21.27 -5.24 4.53
N SER D 189 20.41 -4.43 3.93
CA SER D 189 20.70 -3.89 2.59
C SER D 189 22.04 -3.16 2.54
N GLY D 190 22.33 -2.40 3.59
CA GLY D 190 23.58 -1.65 3.65
C GLY D 190 24.79 -2.51 4.00
N ARG D 191 24.54 -3.76 4.37
CA ARG D 191 25.59 -4.69 4.75
C ARG D 191 25.82 -5.72 3.65
N GLY D 192 25.26 -5.47 2.47
CA GLY D 192 25.54 -6.29 1.31
C GLY D 192 24.56 -7.41 1.00
N VAL D 193 23.46 -7.46 1.76
CA VAL D 193 22.45 -8.49 1.56
C VAL D 193 21.10 -7.87 1.20
N ARG D 194 20.67 -8.05 -0.04
CA ARG D 194 19.35 -7.59 -0.47
C ARG D 194 18.30 -8.59 0.00
N VAL D 195 17.13 -8.09 0.39
CA VAL D 195 16.03 -8.94 0.84
C VAL D 195 14.71 -8.46 0.20
N ASN D 196 14.04 -9.36 -0.51
CA ASN D 196 12.83 -9.03 -1.26
C ASN D 196 11.81 -10.13 -1.11
N ALA D 197 10.56 -9.82 -1.44
CA ALA D 197 9.52 -10.84 -1.39
C ALA D 197 8.81 -10.90 -2.71
N VAL D 198 8.58 -12.10 -3.23
CA VAL D 198 7.68 -12.26 -4.36
C VAL D 198 6.31 -12.56 -3.77
N CYS D 199 5.28 -11.94 -4.32
CA CYS D 199 3.90 -12.14 -3.86
C CYS D 199 3.07 -12.72 -5.01
N PRO D 200 3.06 -14.05 -5.13
CA PRO D 200 2.40 -14.67 -6.29
C PRO D 200 0.89 -14.68 -6.15
N GLY D 201 0.20 -14.58 -7.29
CA GLY D 201 -1.19 -14.94 -7.32
C GLY D 201 -1.30 -16.46 -7.34
N THR D 202 -2.54 -16.94 -7.39
CA THR D 202 -2.83 -18.36 -7.44
C THR D 202 -2.10 -19.09 -8.57
N VAL D 203 -1.45 -20.20 -8.21
CA VAL D 203 -0.79 -21.11 -9.15
C VAL D 203 -1.44 -22.47 -8.92
N THR D 204 -2.30 -22.89 -9.84
CA THR D 204 -3.15 -24.05 -9.62
C THR D 204 -2.47 -25.41 -9.71
N SER D 205 -1.36 -25.49 -10.43
CA SER D 205 -0.79 -26.79 -10.78
C SER D 205 0.01 -27.51 -9.69
N THR D 206 0.40 -26.78 -8.65
CA THR D 206 1.25 -27.36 -7.61
C THR D 206 0.42 -28.14 -6.61
N GLY D 207 1.07 -28.83 -5.68
CA GLY D 207 0.36 -29.54 -4.65
C GLY D 207 -0.53 -28.61 -3.83
N MET D 208 0.00 -27.43 -3.51
CA MET D 208 -0.78 -26.46 -2.75
C MET D 208 -1.94 -25.95 -3.60
N GLY D 209 -1.70 -25.70 -4.89
CA GLY D 209 -2.73 -25.20 -5.79
C GLY D 209 -3.89 -26.17 -5.84
N GLN D 210 -3.57 -27.46 -5.91
CA GLN D 210 -4.61 -28.49 -5.96
C GLN D 210 -5.35 -28.58 -4.63
N GLN D 211 -4.64 -28.33 -3.54
CA GLN D 211 -5.25 -28.28 -2.21
C GLN D 211 -6.29 -27.16 -2.11
N LEU D 212 -5.96 -25.99 -2.67
CA LEU D 212 -6.87 -24.83 -2.58
C LEU D 212 -8.13 -25.04 -3.43
N LEU D 213 -7.96 -25.66 -4.60
CA LEU D 213 -9.08 -25.96 -5.48
C LEU D 213 -10.07 -26.90 -4.78
N GLY D 214 -9.54 -27.95 -4.17
CA GLY D 214 -10.35 -29.02 -3.59
C GLY D 214 -11.46 -28.56 -2.67
N PRO D 219 -17.62 -25.16 -9.40
CA PRO D 219 -17.05 -24.51 -10.58
C PRO D 219 -17.50 -23.06 -10.71
N GLU D 220 -18.70 -22.75 -10.23
CA GLU D 220 -19.15 -21.36 -10.17
C GLU D 220 -18.17 -20.61 -9.27
N VAL D 221 -17.70 -21.31 -8.24
CA VAL D 221 -16.72 -20.75 -7.31
C VAL D 221 -15.35 -20.59 -7.96
N GLN D 222 -14.96 -21.56 -8.78
CA GLN D 222 -13.73 -21.49 -9.57
C GLN D 222 -13.73 -20.25 -10.45
N ALA D 223 -14.81 -20.10 -11.21
CA ALA D 223 -15.00 -18.96 -12.10
C ALA D 223 -14.97 -17.64 -11.33
N ARG D 224 -15.53 -17.63 -10.13
CA ARG D 224 -15.49 -16.46 -9.26
C ARG D 224 -14.04 -16.15 -8.84
N ARG D 225 -13.25 -17.20 -8.62
CA ARG D 225 -11.85 -17.02 -8.26
C ARG D 225 -11.07 -16.44 -9.45
N LEU D 226 -11.35 -16.99 -10.63
CA LEU D 226 -10.68 -16.55 -11.85
C LEU D 226 -10.98 -15.09 -12.19
N ALA D 227 -12.17 -14.63 -11.85
CA ALA D 227 -12.57 -13.26 -12.13
C ALA D 227 -11.79 -12.24 -11.29
N LYS D 228 -11.07 -12.72 -10.27
CA LYS D 228 -10.23 -11.84 -9.47
C LYS D 228 -8.94 -11.46 -10.20
N TYR D 229 -8.69 -12.11 -11.33
CA TYR D 229 -7.45 -11.96 -12.09
C TYR D 229 -7.68 -11.29 -13.43
N PRO D 230 -7.36 -9.99 -13.53
CA PRO D 230 -7.52 -9.23 -14.78
C PRO D 230 -6.91 -9.93 -15.99
N ILE D 231 -5.76 -10.57 -15.81
CA ILE D 231 -5.07 -11.21 -16.92
C ILE D 231 -5.88 -12.37 -17.52
N GLY D 232 -6.82 -12.92 -16.75
CA GLY D 232 -7.74 -13.93 -17.27
C GLY D 232 -7.26 -15.37 -17.17
N ARG D 233 -6.19 -15.59 -16.42
CA ARG D 233 -5.69 -16.93 -16.17
C ARG D 233 -4.97 -16.93 -14.83
N PHE D 234 -4.75 -18.12 -14.28
CA PHE D 234 -3.96 -18.25 -13.07
C PHE D 234 -2.48 -18.37 -13.44
N GLY D 235 -1.60 -18.31 -12.46
CA GLY D 235 -0.17 -18.31 -12.74
C GLY D 235 0.36 -19.72 -12.91
N THR D 236 1.56 -19.84 -13.46
CA THR D 236 2.26 -21.12 -13.50
C THR D 236 3.50 -21.04 -12.62
N PRO D 237 4.03 -22.19 -12.21
CA PRO D 237 5.28 -22.15 -11.44
C PRO D 237 6.39 -21.42 -12.22
N GLU D 238 6.43 -21.59 -13.53
CA GLU D 238 7.43 -20.92 -14.36
C GLU D 238 7.29 -19.39 -14.32
N ASP D 239 6.05 -18.90 -14.32
CA ASP D 239 5.81 -17.45 -14.19
C ASP D 239 6.48 -16.92 -12.94
N ILE D 240 6.26 -17.60 -11.82
CA ILE D 240 6.78 -17.11 -10.54
C ILE D 240 8.30 -17.24 -10.51
N ALA D 241 8.81 -18.34 -11.04
CA ALA D 241 10.24 -18.58 -11.05
C ALA D 241 11.02 -17.47 -11.74
N GLU D 242 10.48 -16.94 -12.84
CA GLU D 242 11.21 -15.89 -13.56
C GLU D 242 11.39 -14.62 -12.72
N ALA D 243 10.37 -14.28 -11.94
CA ALA D 243 10.49 -13.11 -11.06
C ALA D 243 11.56 -13.36 -10.01
N VAL D 244 11.60 -14.57 -9.46
CA VAL D 244 12.57 -14.90 -8.45
C VAL D 244 13.98 -14.85 -9.01
N ILE D 245 14.16 -15.38 -10.21
CA ILE D 245 15.46 -15.37 -10.89
C ILE D 245 15.93 -13.92 -11.11
N PHE D 246 15.02 -13.02 -11.50
CA PHE D 246 15.38 -11.62 -11.60
C PHE D 246 15.89 -11.06 -10.26
N LEU D 247 15.11 -11.24 -9.20
CA LEU D 247 15.47 -10.74 -7.87
C LEU D 247 16.79 -11.31 -7.32
N LEU D 248 17.09 -12.57 -7.63
CA LEU D 248 18.35 -13.20 -7.24
C LEU D 248 19.57 -12.65 -7.98
N SER D 249 19.33 -12.13 -9.19
CA SER D 249 20.41 -11.73 -10.09
C SER D 249 21.01 -10.39 -9.71
N ASP D 250 22.27 -10.16 -10.10
CA ASP D 250 22.91 -8.88 -9.82
C ASP D 250 22.37 -7.77 -10.72
N GLN D 251 21.50 -8.11 -11.68
CA GLN D 251 20.81 -7.08 -12.44
C GLN D 251 19.75 -6.41 -11.57
N ALA D 252 19.44 -7.02 -10.43
CA ALA D 252 18.52 -6.43 -9.46
C ALA D 252 19.27 -5.80 -8.29
N ALA D 253 20.47 -5.28 -8.56
CA ALA D 253 21.36 -4.75 -7.52
C ALA D 253 20.77 -3.62 -6.65
N PHE D 254 19.81 -2.88 -7.19
CA PHE D 254 19.22 -1.76 -6.45
C PHE D 254 17.85 -2.14 -5.90
N VAL D 255 17.45 -3.39 -6.09
CA VAL D 255 16.14 -3.81 -5.63
C VAL D 255 16.26 -4.48 -4.27
N THR D 256 15.69 -3.85 -3.26
CA THR D 256 15.68 -4.42 -1.91
C THR D 256 14.48 -3.88 -1.12
N GLY D 257 13.91 -4.72 -0.27
CA GLY D 257 12.73 -4.36 0.51
C GLY D 257 11.43 -4.38 -0.28
N ALA D 258 11.49 -4.86 -1.52
CA ALA D 258 10.32 -4.84 -2.40
C ALA D 258 9.39 -6.00 -2.11
N ALA D 259 8.09 -5.74 -2.16
CA ALA D 259 7.09 -6.80 -2.18
C ALA D 259 6.54 -6.82 -3.60
N PHE D 260 7.09 -7.71 -4.41
CA PHE D 260 6.85 -7.72 -5.85
C PHE D 260 5.64 -8.58 -6.21
N ALA D 261 4.55 -7.95 -6.64
CA ALA D 261 3.34 -8.68 -7.02
C ALA D 261 3.48 -9.34 -8.38
N VAL D 262 3.44 -10.67 -8.40
CA VAL D 262 3.47 -11.46 -9.61
C VAL D 262 2.15 -12.21 -9.62
N ASP D 263 1.10 -11.51 -10.04
CA ASP D 263 -0.24 -11.93 -9.64
C ASP D 263 -1.32 -11.67 -10.69
N GLY D 264 -0.92 -11.45 -11.93
CA GLY D 264 -1.88 -11.29 -13.01
C GLY D 264 -2.85 -10.14 -12.82
N GLY D 265 -2.46 -9.16 -12.01
CA GLY D 265 -3.29 -7.98 -11.79
C GLY D 265 -4.20 -8.03 -10.57
N MET D 266 -4.20 -9.14 -9.85
CA MET D 266 -5.13 -9.36 -8.75
C MET D 266 -5.15 -8.21 -7.72
N THR D 267 -3.98 -7.78 -7.26
CA THR D 267 -3.92 -6.74 -6.24
C THR D 267 -4.06 -5.33 -6.82
N ALA D 268 -4.06 -5.21 -8.14
CA ALA D 268 -4.21 -3.91 -8.79
C ALA D 268 -5.66 -3.46 -8.85
N ILE D 269 -6.60 -4.40 -8.69
CA ILE D 269 -8.03 -4.09 -8.72
C ILE D 269 -8.74 -4.29 -7.36
PA NAI E . -21.62 15.15 -6.39
O1A NAI E . -22.96 14.61 -5.83
O2A NAI E . -21.57 14.97 -7.92
O5B NAI E . -21.53 16.66 -6.00
C5B NAI E . -20.37 17.33 -6.35
C4B NAI E . -20.52 18.80 -6.03
O4B NAI E . -19.34 19.37 -6.43
C3B NAI E . -21.65 19.40 -6.82
O3B NAI E . -22.47 20.19 -6.05
C2B NAI E . -20.95 20.17 -7.88
O2B NAI E . -21.63 21.31 -8.26
C1B NAI E . -19.65 20.47 -7.22
N9A NAI E . -18.60 20.78 -8.19
C8A NAI E . -18.32 20.14 -9.35
N7A NAI E . -17.33 20.75 -9.97
C5A NAI E . -16.93 21.81 -9.24
C6A NAI E . -15.97 22.79 -9.38
N6A NAI E . -15.12 22.81 -10.52
N1A NAI E . -15.82 23.72 -8.43
C2A NAI E . -16.60 23.75 -7.34
N3A NAI E . -17.56 22.81 -7.17
C4A NAI E . -17.74 21.84 -8.10
O3 NAI E . -20.35 14.38 -5.80
PN NAI E . -20.24 13.35 -4.60
O1N NAI E . -20.91 13.92 -3.34
O2N NAI E . -20.80 11.97 -4.98
O5D NAI E . -18.70 13.22 -4.42
C5D NAI E . -17.95 14.19 -3.69
C4D NAI E . -16.48 13.77 -3.68
O4D NAI E . -16.39 12.40 -3.26
C3D NAI E . -15.78 13.87 -5.00
O3D NAI E . -14.47 14.30 -4.85
C2D NAI E . -15.84 12.49 -5.50
O2D NAI E . -14.95 12.24 -6.53
C1D NAI E . -15.64 11.70 -4.25
N1N NAI E . -16.21 10.35 -4.33
C2N NAI E . -17.50 9.92 -4.65
C3N NAI E . -17.90 8.62 -4.44
C7N NAI E . -19.28 8.25 -4.85
O7N NAI E . -19.53 7.08 -5.09
N7N NAI E . -20.30 9.25 -4.99
C4N NAI E . -16.95 7.60 -3.83
C5N NAI E . -15.51 8.09 -3.76
C6N NAI E . -15.20 9.43 -4.00
CAK 1HS F . -16.85 7.39 -8.34
CAJ 1HS F . -16.42 6.75 -7.02
OAC 1HS F . -15.07 7.13 -6.69
CAI 1HS F . -16.53 5.25 -7.15
SAH 1HS F . -15.45 4.66 -8.50
CAG 1HS F . -16.13 2.97 -8.61
CAF 1HS F . -15.83 2.16 -7.37
SAE 1HS F . -16.58 0.51 -7.51
OAD 1HS F . -16.16 -0.18 -8.78
OAL 1HS F . -16.18 -0.24 -6.37
OAB 1HS F . -18.07 0.68 -7.51
PA NAI G . 16.09 13.18 -17.80
O1A NAI G . 17.60 12.82 -17.64
O2A NAI G . 15.82 14.61 -17.27
O5B NAI G . 15.72 13.09 -19.31
C5B NAI G . 14.40 13.06 -19.69
C4B NAI G . 14.32 13.00 -21.19
O4B NAI G . 12.98 13.18 -21.45
C3B NAI G . 15.09 14.13 -21.81
O3B NAI G . 15.92 13.74 -22.84
C2B NAI G . 14.03 15.08 -22.25
O2B NAI G . 14.34 15.75 -23.42
C1B NAI G . 12.84 14.18 -22.40
N9A NAI G . 11.59 14.94 -22.30
C8A NAI G . 11.28 15.91 -21.42
N7A NAI G . 10.06 16.37 -21.68
C5A NAI G . 9.55 15.71 -22.75
C6A NAI G . 8.36 15.73 -23.47
N6A NAI G . 7.32 16.64 -23.13
N1A NAI G . 8.20 14.90 -24.50
C2A NAI G . 9.14 14.03 -24.89
N3A NAI G . 10.31 13.95 -24.20
C4A NAI G . 10.53 14.78 -23.15
O3 NAI G . 15.15 12.22 -16.95
PN NAI G . 15.51 10.95 -16.11
O1N NAI G . 16.26 9.93 -17.00
O2N NAI G . 16.26 11.32 -14.81
O5D NAI G . 14.09 10.42 -15.71
C5D NAI G . 13.31 9.64 -16.59
C4D NAI G . 12.02 9.21 -15.86
O4D NAI G . 12.36 8.62 -14.61
C3D NAI G . 11.08 10.33 -15.60
O3D NAI G . 9.77 9.91 -15.72
C2D NAI G . 11.37 10.67 -14.20
O2D NAI G . 10.34 11.38 -13.62
C1D NAI G . 11.62 9.31 -13.63
N1N NAI G . 12.45 9.37 -12.43
C2N NAI G . 13.72 9.94 -12.22
C3N NAI G . 14.45 9.68 -11.08
C7N NAI G . 15.79 10.35 -10.96
O7N NAI G . 16.26 10.50 -9.85
N7N NAI G . 16.50 10.81 -12.12
C4N NAI G . 13.91 8.76 -10.00
C5N NAI G . 12.45 8.38 -10.22
C6N NAI G . 11.78 8.68 -11.39
CAK 1HS H . 13.00 13.04 -8.98
CAJ 1HS H . 13.00 11.59 -8.47
OAC 1HS H . 11.70 11.00 -8.63
CAI 1HS H . 13.42 11.57 -7.00
SAH 1HS H . 12.25 12.55 -6.00
CAG 1HS H . 13.20 12.54 -4.43
CAF 1HS H . 13.36 11.15 -3.86
SAE 1HS H . 14.37 11.23 -2.34
OAD 1HS H . 13.73 12.20 -1.38
OAL 1HS H . 14.46 9.93 -1.77
OAB 1HS H . 15.74 11.70 -2.71
PA NAI I . 2.17 -1.38 27.40
O1A NAI I . 2.35 0.05 28.00
O2A NAI I . 3.51 -2.14 27.47
O5B NAI I . 1.09 -2.17 28.19
C5B NAI I . 0.42 -3.21 27.55
C4B NAI I . -0.45 -4.01 28.50
O4B NAI I . -0.60 -5.24 27.92
C3B NAI I . 0.18 -4.18 29.85
O3B NAI I . -0.67 -3.80 30.87
C2B NAI I . 0.50 -5.63 29.90
O2B NAI I . 0.36 -6.17 31.19
C1B NAI I . -0.48 -6.19 28.92
N9A NAI I . -0.07 -7.49 28.41
C8A NAI I . 1.16 -7.87 28.00
N7A NAI I . 1.11 -9.14 27.63
C5A NAI I . -0.13 -9.61 27.78
C6A NAI I . -0.76 -10.84 27.55
N6A NAI I . -0.04 -11.98 27.06
N1A NAI I . -2.05 -10.96 27.84
C2A NAI I . -2.78 -9.94 28.32
N3A NAI I . -2.23 -8.75 28.54
C4A NAI I . -0.90 -8.57 28.29
O3 NAI I . 1.77 -1.29 25.85
PN NAI I . 1.38 -0.04 24.98
O1N NAI I . 0.19 0.68 25.61
O2N NAI I . 2.58 0.89 24.73
O5D NAI I . 1.00 -0.67 23.60
C5D NAI I . -0.31 -1.16 23.40
C4D NAI I . -0.43 -1.69 21.98
O4D NAI I . -0.05 -0.68 21.05
C3D NAI I . 0.41 -2.89 21.71
O3D NAI I . -0.27 -3.81 20.91
C2D NAI I . 1.56 -2.32 21.02
O2D NAI I . 2.28 -3.27 20.33
C1D NAI I . 0.93 -1.24 20.19
N1N NAI I . 1.87 -0.15 19.91
C2N NAI I . 2.69 0.60 20.77
C3N NAI I . 3.31 1.76 20.36
C7N NAI I . 4.17 2.47 21.35
O7N NAI I . 5.03 3.22 20.94
N7N NAI I . 3.99 2.27 22.75
C4N NAI I . 3.11 2.29 18.95
C5N NAI I . 2.45 1.26 18.02
C6N NAI I . 1.87 0.10 18.53
CAK 1HS J . 6.70 -0.23 19.37
CAJ 1HS J . 5.98 0.69 18.40
OAC 1HS J . 5.22 -0.08 17.48
CAI 1HS J . 6.95 1.61 17.68
SAH 1HS J . 8.11 0.64 16.66
CAG 1HS J . 9.26 1.98 16.23
CAF 1HS J . 8.63 3.07 15.38
SAE 1HS J . 9.82 4.41 15.04
OAD 1HS J . 11.10 3.86 14.46
OAL 1HS J . 9.21 5.35 14.14
OAB 1HS J . 10.12 5.10 16.33
PA NAI K . 3.90 -26.93 -2.73
O1A NAI K . 3.56 -27.44 -4.15
O2A NAI K . 2.83 -27.40 -1.73
O5B NAI K . 5.31 -27.48 -2.33
C5B NAI K . 5.97 -26.92 -1.25
C4B NAI K . 7.20 -27.71 -0.88
O4B NAI K . 7.59 -27.25 0.37
C3B NAI K . 6.90 -29.18 -0.79
O3B NAI K . 7.75 -29.96 -1.54
C2B NAI K . 7.02 -29.47 0.66
O2B NAI K . 7.55 -30.73 0.91
C1B NAI K . 7.89 -28.36 1.14
N9A NAI K . 7.71 -28.11 2.57
C8A NAI K . 6.56 -28.05 3.26
N7A NAI K . 6.82 -27.82 4.54
C5A NAI K . 8.14 -27.73 4.72
C6A NAI K . 8.99 -27.52 5.81
N6A NAI K . 8.47 -27.34 7.12
N1A NAI K . 10.32 -27.49 5.63
C2A NAI K . 10.88 -27.66 4.41
N3A NAI K . 10.08 -27.87 3.35
C4A NAI K . 8.74 -27.91 3.46
O3 NAI K . 3.93 -25.34 -2.65
PN NAI K . 3.89 -24.26 -3.81
O1N NAI K . 4.99 -24.55 -4.83
O2N NAI K . 2.50 -24.16 -4.44
O5D NAI K . 4.15 -22.93 -3.02
C5D NAI K . 5.48 -22.48 -2.76
C4D NAI K . 5.40 -21.14 -2.00
O4D NAI K . 4.62 -20.20 -2.74
C3D NAI K . 4.82 -21.24 -0.63
O3D NAI K . 5.45 -20.37 0.25
C2D NAI K . 3.44 -20.83 -0.86
O2D NAI K . 2.81 -20.42 0.31
C1D NAI K . 3.62 -19.73 -1.86
N1N NAI K . 2.43 -19.54 -2.67
C2N NAI K . 1.64 -20.47 -3.39
C3N NAI K . 0.71 -20.06 -4.32
C7N NAI K . -0.07 -21.12 -5.04
O7N NAI K . -1.16 -20.84 -5.51
N7N NAI K . 0.46 -22.46 -5.17
C4N NAI K . 0.50 -18.57 -4.60
C5N NAI K . 1.23 -17.66 -3.61
C6N NAI K . 2.15 -18.16 -2.71
CAK 1HS L . -2.28 -20.21 -1.73
CAJ 1HS L . -1.97 -18.92 -2.49
OAC 1HS L . -1.18 -18.02 -1.70
CAI 1HS L . -3.26 -18.27 -2.98
SAH 1HS L . -4.30 -17.74 -1.60
CAG 1HS L . -5.82 -17.44 -2.55
CAF 1HS L . -5.63 -16.37 -3.60
SAE 1HS L . -7.15 -16.14 -4.58
OAD 1HS L . -8.32 -15.84 -3.68
OAL 1HS L . -6.93 -15.07 -5.52
OAB 1HS L . -7.40 -17.41 -5.34
#